data_5CZ2
#
_entry.id   5CZ2
#
_cell.length_a   54.370
_cell.length_b   83.150
_cell.length_c   141.140
_cell.angle_alpha   90.00
_cell.angle_beta   90.19
_cell.angle_gamma   90.00
#
_symmetry.space_group_name_H-M   'P 1 21 1'
#
loop_
_entity.id
_entity.type
_entity.pdbx_description
1 polymer 'Pol polyprotein'
2 non-polymer 'MAGNESIUM ION'
3 non-polymer 'ZINC ION'
#
_entity_poly.entity_id   1
_entity_poly.type   'polypeptide(L)'
_entity_poly.pdbx_seq_one_letter_code
;ALESAQESHALHHQNAAALRFQFHITREQAREIVKLCPNCPDWGHAPQLGVNPRGLKPRVLWQMDVTHVSEFGKLKYVHV
TVDTYSHFTFATARTGEATKDVLQHLAQSFAYMGIPQKIKTDNAPAYVSRSIQEFLARWKISHVTGIPYNPQGQAIVERT
HQNIKAQLNKLQKAGKYYTPHHLLAHALFVLNHVNMDNQGHTAAERHWGP
;
_entity_poly.pdbx_strand_id   A,B,C,D,E,F,G,H,I,J,K,L
#
# COMPACT_ATOMS: atom_id res chain seq x y z
N VAL A 51 7.55 0.10 -3.88
CA VAL A 51 8.08 1.42 -3.59
C VAL A 51 7.98 1.73 -2.10
N ASN A 52 8.39 2.93 -1.72
CA ASN A 52 8.30 3.37 -0.33
C ASN A 52 6.87 3.80 -0.01
N PRO A 53 6.53 3.92 1.28
CA PRO A 53 5.24 4.53 1.63
C PRO A 53 5.14 5.96 1.16
N ARG A 54 4.26 6.21 0.19
CA ARG A 54 4.11 7.52 -0.42
C ARG A 54 2.75 8.12 -0.04
N GLY A 55 2.60 9.41 -0.36
CA GLY A 55 1.36 10.11 -0.03
C GLY A 55 0.24 9.72 -0.97
N LEU A 56 -0.97 9.62 -0.40
CA LEU A 56 -2.16 9.32 -1.18
C LEU A 56 -2.71 10.53 -1.91
N LYS A 57 -2.36 11.73 -1.45
CA LYS A 57 -2.74 12.97 -2.12
C LYS A 57 -1.64 13.98 -1.81
N PRO A 58 -1.59 15.09 -2.56
CA PRO A 58 -0.42 15.98 -2.43
C PRO A 58 -0.35 16.65 -1.07
N ARG A 59 0.88 17.05 -0.73
CA ARG A 59 1.18 17.78 0.51
C ARG A 59 0.79 16.99 1.76
N VAL A 60 0.88 15.66 1.68
CA VAL A 60 0.69 14.79 2.85
C VAL A 60 2.02 14.30 3.40
N LEU A 61 2.86 13.73 2.54
CA LEU A 61 4.15 13.17 2.95
C LEU A 61 5.23 13.64 1.99
N TRP A 62 6.25 14.29 2.53
CA TRP A 62 7.41 14.73 1.76
C TRP A 62 8.63 13.90 2.13
N GLN A 63 9.65 13.96 1.29
CA GLN A 63 10.96 13.42 1.58
C GLN A 63 12.01 14.49 1.36
N MET A 64 13.03 14.49 2.22
CA MET A 64 14.09 15.49 2.15
C MET A 64 15.43 14.85 2.46
N ASP A 65 16.43 15.14 1.62
CA ASP A 65 17.78 14.63 1.83
C ASP A 65 18.75 15.48 1.00
N VAL A 66 19.97 15.58 1.50
CA VAL A 66 21.03 16.34 0.83
C VAL A 66 21.80 15.42 -0.10
N THR A 67 22.19 15.94 -1.25
CA THR A 67 23.06 15.23 -2.19
C THR A 67 24.22 16.16 -2.55
N HIS A 68 25.25 15.57 -3.14
CA HIS A 68 26.51 16.28 -3.40
C HIS A 68 26.72 16.42 -4.91
N VAL A 69 26.84 17.66 -5.37
CA VAL A 69 27.17 17.97 -6.76
C VAL A 69 28.52 18.69 -6.73
N SER A 70 29.59 17.93 -6.97
CA SER A 70 30.94 18.49 -6.86
C SER A 70 31.23 19.54 -7.91
N GLU A 71 30.44 19.61 -8.98
CA GLU A 71 30.64 20.64 -10.00
C GLU A 71 30.21 22.02 -9.54
N PHE A 72 29.60 22.13 -8.36
CA PHE A 72 29.21 23.42 -7.81
C PHE A 72 30.27 24.02 -6.90
N GLY A 73 31.31 23.26 -6.57
CA GLY A 73 32.38 23.76 -5.72
C GLY A 73 31.95 24.06 -4.31
N LYS A 74 31.80 25.35 -3.97
CA LYS A 74 31.45 25.73 -2.62
C LYS A 74 29.99 25.44 -2.32
N LEU A 75 29.13 25.41 -3.34
CA LEU A 75 27.70 25.14 -3.18
C LEU A 75 27.35 23.70 -3.56
N LYS A 76 28.21 22.74 -3.20
CA LYS A 76 27.97 21.35 -3.58
C LYS A 76 26.89 20.69 -2.73
N TYR A 77 26.52 21.28 -1.60
CA TYR A 77 25.49 20.71 -0.73
C TYR A 77 24.12 21.08 -1.30
N VAL A 78 23.54 20.19 -2.07
CA VAL A 78 22.25 20.41 -2.72
C VAL A 78 21.17 19.75 -1.87
N HIS A 79 20.35 20.57 -1.24
CA HIS A 79 19.22 20.06 -0.46
C HIS A 79 18.04 19.79 -1.40
N VAL A 80 17.42 18.63 -1.26
CA VAL A 80 16.37 18.18 -2.16
C VAL A 80 15.12 17.86 -1.33
N THR A 81 13.98 18.38 -1.78
CA THR A 81 12.69 18.08 -1.18
C THR A 81 11.72 17.67 -2.28
N VAL A 82 11.04 16.55 -2.09
CA VAL A 82 10.14 16.00 -3.10
C VAL A 82 8.86 15.52 -2.43
N ASP A 83 7.73 15.82 -3.07
CA ASP A 83 6.44 15.31 -2.61
C ASP A 83 6.30 13.86 -3.06
N THR A 84 5.95 12.98 -2.12
CA THR A 84 5.89 11.56 -2.43
C THR A 84 4.71 11.20 -3.34
N TYR A 85 3.69 12.04 -3.38
CA TYR A 85 2.53 11.78 -4.24
C TYR A 85 2.73 12.32 -5.65
N SER A 86 2.97 13.63 -5.77
CA SER A 86 3.00 14.29 -7.08
C SER A 86 4.39 14.35 -7.68
N HIS A 87 5.43 13.94 -6.93
CA HIS A 87 6.82 14.03 -7.36
C HIS A 87 7.25 15.46 -7.64
N PHE A 88 6.48 16.44 -7.15
CA PHE A 88 6.89 17.84 -7.23
C PHE A 88 8.16 18.04 -6.41
N THR A 89 9.19 18.59 -7.04
CA THR A 89 10.54 18.61 -6.50
C THR A 89 11.03 20.04 -6.35
N PHE A 90 11.63 20.33 -5.20
CA PHE A 90 12.31 21.59 -4.95
C PHE A 90 13.73 21.32 -4.48
N ALA A 91 14.65 22.20 -4.86
CA ALA A 91 16.06 22.00 -4.54
C ALA A 91 16.78 23.33 -4.44
N THR A 92 17.80 23.37 -3.58
CA THR A 92 18.65 24.53 -3.40
C THR A 92 20.08 24.07 -3.19
N ALA A 93 21.03 24.87 -3.70
CA ALA A 93 22.45 24.62 -3.53
C ALA A 93 23.00 25.55 -2.45
N ARG A 94 23.58 24.99 -1.40
CA ARG A 94 24.01 25.76 -0.25
C ARG A 94 25.46 25.39 0.10
N THR A 95 26.05 26.19 0.98
CA THR A 95 27.45 26.00 1.37
C THR A 95 27.65 24.82 2.30
N GLY A 96 26.58 24.32 2.91
CA GLY A 96 26.73 23.21 3.84
C GLY A 96 25.41 22.52 4.09
N GLU A 97 25.46 21.52 4.98
CA GLU A 97 24.29 20.75 5.38
C GLU A 97 24.01 20.95 6.86
N ALA A 98 24.37 22.11 7.41
CA ALA A 98 24.20 22.39 8.82
C ALA A 98 22.74 22.72 9.14
N THR A 99 22.48 23.01 10.41
CA THR A 99 21.12 23.35 10.83
C THR A 99 20.66 24.67 10.22
N LYS A 100 21.57 25.63 10.07
CA LYS A 100 21.22 26.90 9.45
C LYS A 100 20.79 26.70 7.99
N ASP A 101 21.45 25.79 7.28
CA ASP A 101 21.11 25.56 5.88
C ASP A 101 19.76 24.86 5.74
N VAL A 102 19.49 23.87 6.60
CA VAL A 102 18.25 23.12 6.50
C VAL A 102 17.04 24.02 6.80
N LEU A 103 17.16 24.89 7.80
CA LEU A 103 16.05 25.77 8.16
C LEU A 103 15.68 26.69 7.02
N GLN A 104 16.68 27.25 6.32
CA GLN A 104 16.38 28.13 5.20
C GLN A 104 15.81 27.36 4.02
N HIS A 105 16.35 26.17 3.73
CA HIS A 105 15.79 25.34 2.68
C HIS A 105 14.35 24.94 2.99
N LEU A 106 14.03 24.72 4.26
CA LEU A 106 12.65 24.38 4.63
C LEU A 106 11.71 25.55 4.35
N ALA A 107 12.12 26.77 4.70
CA ALA A 107 11.31 27.94 4.39
C ALA A 107 11.13 28.09 2.88
N GLN A 108 12.18 27.88 2.10
CA GLN A 108 12.08 27.98 0.66
C GLN A 108 11.17 26.91 0.08
N SER A 109 11.26 25.69 0.62
CA SER A 109 10.36 24.62 0.21
C SER A 109 8.90 25.00 0.42
N PHE A 110 8.59 25.66 1.52
CA PHE A 110 7.20 25.98 1.84
C PHE A 110 6.63 27.01 0.89
N ALA A 111 7.42 28.04 0.56
CA ALA A 111 6.98 29.00 -0.44
C ALA A 111 6.82 28.36 -1.82
N TYR A 112 7.65 27.35 -2.12
CA TYR A 112 7.62 26.72 -3.42
C TYR A 112 6.52 25.68 -3.54
N MET A 113 6.27 24.93 -2.47
CA MET A 113 5.40 23.75 -2.54
C MET A 113 4.23 23.75 -1.57
N GLY A 114 4.20 24.65 -0.59
CA GLY A 114 3.18 24.61 0.44
C GLY A 114 3.67 23.92 1.70
N ILE A 115 2.71 23.56 2.53
CA ILE A 115 2.98 22.89 3.81
C ILE A 115 2.58 21.42 3.69
N PRO A 116 3.46 20.48 4.03
CA PRO A 116 3.07 19.08 4.15
C PRO A 116 2.63 18.75 5.57
N GLN A 117 1.98 17.59 5.70
CA GLN A 117 1.66 17.10 7.03
C GLN A 117 2.86 16.41 7.67
N LYS A 118 3.62 15.65 6.88
CA LYS A 118 4.77 14.91 7.38
C LYS A 118 5.95 15.05 6.43
N ILE A 119 7.15 14.98 6.99
CA ILE A 119 8.39 15.02 6.23
C ILE A 119 9.27 13.88 6.69
N LYS A 120 9.84 13.14 5.74
CA LYS A 120 10.72 12.00 6.04
C LYS A 120 12.14 12.35 5.64
N THR A 121 13.06 12.29 6.61
CA THR A 121 14.48 12.47 6.38
C THR A 121 15.25 11.26 6.90
N ASP A 122 16.54 11.23 6.60
CA ASP A 122 17.42 10.24 7.20
C ASP A 122 17.78 10.64 8.64
N ASN A 123 18.84 10.05 9.19
CA ASN A 123 19.25 10.30 10.57
C ASN A 123 20.42 11.28 10.64
N ALA A 124 20.50 12.22 9.70
CA ALA A 124 21.59 13.18 9.70
C ALA A 124 21.56 14.03 10.97
N PRO A 125 22.72 14.44 11.48
CA PRO A 125 22.73 15.27 12.70
C PRO A 125 21.89 16.53 12.60
N ALA A 126 21.95 17.25 11.47
CA ALA A 126 21.18 18.48 11.32
C ALA A 126 19.69 18.23 11.45
N TYR A 127 19.19 17.18 10.78
CA TYR A 127 17.75 16.93 10.77
C TYR A 127 17.23 16.61 12.18
N VAL A 128 17.99 15.85 12.96
CA VAL A 128 17.54 15.47 14.31
C VAL A 128 17.85 16.53 15.35
N SER A 129 18.40 17.67 14.95
CA SER A 129 18.75 18.71 15.91
C SER A 129 17.49 19.30 16.55
N ARG A 130 17.71 20.05 17.64
CA ARG A 130 16.59 20.62 18.38
C ARG A 130 15.98 21.81 17.64
N SER A 131 16.78 22.56 16.88
CA SER A 131 16.23 23.66 16.10
C SER A 131 15.24 23.17 15.06
N ILE A 132 15.57 22.07 14.38
CA ILE A 132 14.65 21.52 13.37
C ILE A 132 13.40 20.95 14.03
N GLN A 133 13.57 20.22 15.13
CA GLN A 133 12.42 19.63 15.83
C GLN A 133 11.47 20.71 16.31
N GLU A 134 11.99 21.76 16.95
CA GLU A 134 11.14 22.82 17.47
C GLU A 134 10.61 23.74 16.37
N PHE A 135 11.31 23.81 15.23
CA PHE A 135 10.79 24.57 14.10
C PHE A 135 9.54 23.90 13.52
N LEU A 136 9.63 22.60 13.24
CA LEU A 136 8.47 21.88 12.71
C LEU A 136 7.33 21.82 13.70
N ALA A 137 7.63 21.92 15.00
CA ALA A 137 6.58 21.92 16.02
C ALA A 137 5.70 23.16 15.90
N ARG A 138 6.32 24.34 15.80
CA ARG A 138 5.55 25.57 15.61
C ARG A 138 4.74 25.52 14.31
N TRP A 139 5.32 24.97 13.25
CA TRP A 139 4.66 24.88 11.96
C TRP A 139 3.61 23.77 11.90
N LYS A 140 3.41 23.03 12.99
CA LYS A 140 2.46 21.92 13.05
C LYS A 140 2.75 20.90 11.95
N ILE A 141 4.03 20.57 11.78
CA ILE A 141 4.48 19.62 10.77
C ILE A 141 5.15 18.45 11.48
N SER A 142 4.70 17.24 11.17
CA SER A 142 5.24 16.03 11.80
C SER A 142 6.49 15.56 11.06
N HIS A 143 7.35 14.85 11.78
CA HIS A 143 8.61 14.37 11.25
C HIS A 143 8.77 12.89 11.57
N VAL A 144 9.25 12.12 10.59
CA VAL A 144 9.41 10.68 10.74
C VAL A 144 10.82 10.30 10.29
N THR A 145 11.23 9.09 10.69
CA THR A 145 12.52 8.54 10.30
C THR A 145 12.38 7.08 9.87
N GLN A 154 13.12 5.45 1.35
CA GLN A 154 13.92 6.61 1.02
C GLN A 154 14.25 6.66 -0.47
N ALA A 155 13.84 5.61 -1.19
CA ALA A 155 14.21 5.47 -2.59
C ALA A 155 13.59 6.55 -3.48
N ILE A 156 12.49 7.17 -3.05
CA ILE A 156 11.84 8.18 -3.88
C ILE A 156 12.73 9.41 -4.03
N VAL A 157 13.29 9.89 -2.91
CA VAL A 157 14.15 11.07 -2.98
C VAL A 157 15.50 10.72 -3.56
N GLU A 158 15.95 9.47 -3.41
CA GLU A 158 17.20 9.05 -4.03
C GLU A 158 17.08 9.07 -5.55
N ARG A 159 15.94 8.62 -6.08
CA ARG A 159 15.69 8.72 -7.51
C ARG A 159 15.63 10.18 -7.94
N THR A 160 15.08 11.03 -7.08
CA THR A 160 15.05 12.47 -7.36
C THR A 160 16.46 13.02 -7.51
N HIS A 161 17.38 12.56 -6.66
CA HIS A 161 18.80 12.93 -6.83
C HIS A 161 19.28 12.58 -8.22
N GLN A 162 18.99 11.36 -8.67
CA GLN A 162 19.39 10.94 -10.02
C GLN A 162 18.73 11.82 -11.07
N ASN A 163 17.43 12.09 -10.92
CA ASN A 163 16.72 12.89 -11.91
C ASN A 163 17.25 14.31 -11.97
N ILE A 164 17.60 14.88 -10.82
CA ILE A 164 18.15 16.24 -10.80
C ILE A 164 19.53 16.27 -11.44
N LYS A 165 20.41 15.36 -11.03
CA LYS A 165 21.76 15.31 -11.59
C LYS A 165 21.73 15.05 -13.09
N ALA A 166 20.78 14.23 -13.55
CA ALA A 166 20.66 13.97 -14.98
C ALA A 166 20.31 15.24 -15.75
N GLN A 167 19.33 16.00 -15.27
CA GLN A 167 18.93 17.22 -15.95
C GLN A 167 20.04 18.28 -15.89
N LEU A 168 20.77 18.35 -14.77
CA LEU A 168 21.85 19.31 -14.66
C LEU A 168 22.92 19.07 -15.72
N ASN A 169 23.29 17.80 -15.94
CA ASN A 169 24.31 17.49 -16.94
C ASN A 169 23.87 17.93 -18.34
N LYS A 170 22.60 17.70 -18.68
CA LYS A 170 22.12 18.04 -20.02
C LYS A 170 22.17 19.54 -20.28
N LEU A 171 22.03 20.36 -19.24
CA LEU A 171 21.85 21.79 -19.44
C LEU A 171 23.14 22.54 -19.72
N GLN A 172 24.30 22.01 -19.32
CA GLN A 172 25.57 22.67 -19.60
C GLN A 172 25.79 22.81 -21.11
N LYS A 173 25.59 21.73 -21.85
CA LYS A 173 25.91 21.70 -23.27
C LYS A 173 25.04 22.63 -24.10
N ALA A 174 23.94 23.13 -23.54
CA ALA A 174 23.10 24.08 -24.26
C ALA A 174 23.67 25.50 -24.18
N GLY A 175 24.25 25.86 -23.04
CA GLY A 175 24.82 27.19 -22.88
C GLY A 175 25.41 27.33 -21.49
N LYS A 176 26.13 28.44 -21.31
CA LYS A 176 26.76 28.76 -20.04
C LYS A 176 25.79 29.44 -19.10
N TYR A 177 25.92 29.16 -17.81
CA TYR A 177 25.10 29.76 -16.78
C TYR A 177 25.97 30.63 -15.87
N TYR A 178 25.30 31.39 -15.00
CA TYR A 178 26.00 32.32 -14.13
C TYR A 178 26.46 31.65 -12.83
N THR A 179 25.53 31.05 -12.10
CA THR A 179 25.80 30.39 -10.84
C THR A 179 25.10 29.04 -10.82
N PRO A 180 25.47 28.16 -9.89
CA PRO A 180 24.67 26.94 -9.69
C PRO A 180 23.21 27.22 -9.41
N HIS A 181 22.89 28.37 -8.80
CA HIS A 181 21.49 28.76 -8.62
C HIS A 181 20.80 28.90 -9.97
N HIS A 182 21.45 29.57 -10.91
CA HIS A 182 20.91 29.70 -12.26
C HIS A 182 20.66 28.34 -12.89
N LEU A 183 21.68 27.48 -12.86
CA LEU A 183 21.56 26.14 -13.42
C LEU A 183 20.43 25.36 -12.76
N LEU A 184 20.37 25.41 -11.42
CA LEU A 184 19.40 24.61 -10.69
C LEU A 184 17.98 25.09 -10.94
N ALA A 185 17.77 26.41 -10.99
CA ALA A 185 16.45 26.96 -11.31
C ALA A 185 15.94 26.41 -12.64
N HIS A 186 16.81 26.38 -13.66
CA HIS A 186 16.41 25.87 -14.96
C HIS A 186 16.07 24.38 -14.89
N ALA A 187 16.91 23.60 -14.20
CA ALA A 187 16.65 22.17 -14.04
C ALA A 187 15.30 21.94 -13.36
N LEU A 188 15.02 22.67 -12.28
CA LEU A 188 13.76 22.49 -11.57
C LEU A 188 12.57 22.85 -12.44
N PHE A 189 12.70 23.90 -13.24
CA PHE A 189 11.63 24.30 -14.16
C PHE A 189 11.27 23.16 -15.12
N VAL A 190 12.27 22.47 -15.66
CA VAL A 190 11.99 21.41 -16.63
C VAL A 190 11.32 20.22 -15.96
N LEU A 191 11.89 19.76 -14.84
CA LEU A 191 11.36 18.59 -14.15
C LEU A 191 9.92 18.81 -13.69
N ASN A 192 9.61 20.01 -13.21
CA ASN A 192 8.31 20.25 -12.60
C ASN A 192 7.27 20.80 -13.57
N HIS A 193 7.67 21.68 -14.49
CA HIS A 193 6.72 22.41 -15.32
C HIS A 193 6.78 22.04 -16.79
N VAL A 194 7.68 21.14 -17.19
CA VAL A 194 7.81 20.79 -18.62
C VAL A 194 7.63 19.29 -18.80
N ASN A 195 8.49 18.50 -18.14
CA ASN A 195 8.37 17.05 -18.21
C ASN A 195 6.99 16.60 -17.75
N MET A 196 6.43 15.62 -18.45
CA MET A 196 5.07 15.15 -18.17
C MET A 196 5.03 13.63 -18.19
N ASP A 197 3.94 13.09 -17.64
CA ASP A 197 3.72 11.66 -17.58
C ASP A 197 3.04 11.18 -18.86
N ASN A 198 2.57 9.93 -18.86
CA ASN A 198 1.98 9.36 -20.07
C ASN A 198 0.67 10.04 -20.46
N GLN A 199 -0.09 10.53 -19.48
CA GLN A 199 -1.34 11.21 -19.76
C GLN A 199 -1.19 12.71 -19.91
N GLY A 200 0.04 13.22 -19.90
CA GLY A 200 0.28 14.60 -20.28
C GLY A 200 0.16 15.61 -19.18
N HIS A 201 0.52 15.27 -17.94
CA HIS A 201 0.45 16.17 -16.82
C HIS A 201 1.84 16.39 -16.24
N THR A 202 2.10 17.62 -15.82
CA THR A 202 3.37 17.97 -15.19
C THR A 202 3.27 17.69 -13.69
N ALA A 203 4.44 17.72 -13.03
CA ALA A 203 4.46 17.54 -11.58
C ALA A 203 3.75 18.69 -10.87
N ALA A 204 3.80 19.89 -11.46
CA ALA A 204 3.07 21.03 -10.88
C ALA A 204 1.56 20.81 -10.97
N GLU A 205 1.07 20.33 -12.11
CA GLU A 205 -0.36 20.12 -12.26
C GLU A 205 -0.85 19.00 -11.34
N ARG A 206 -0.04 17.97 -11.14
CA ARG A 206 -0.42 16.92 -10.19
C ARG A 206 -0.33 17.42 -8.75
N HIS A 207 0.58 18.36 -8.47
CA HIS A 207 0.72 18.87 -7.12
C HIS A 207 -0.42 19.82 -6.76
N TRP A 208 -1.03 20.46 -7.76
CA TRP A 208 -2.10 21.44 -7.55
C TRP A 208 -3.31 21.06 -8.41
N GLY A 209 -3.78 19.83 -8.23
CA GLY A 209 -4.91 19.34 -9.01
C GLY A 209 -5.76 18.32 -8.30
N LEU B 56 -6.30 36.90 -19.02
CA LEU B 56 -7.62 36.27 -19.00
C LEU B 56 -7.52 34.88 -18.37
N LYS B 57 -6.32 34.31 -18.37
CA LYS B 57 -6.05 33.02 -17.74
C LYS B 57 -4.60 33.03 -17.29
N PRO B 58 -4.21 32.11 -16.40
CA PRO B 58 -2.87 32.21 -15.80
C PRO B 58 -1.75 31.97 -16.80
N ARG B 59 -0.57 32.51 -16.45
CA ARG B 59 0.66 32.35 -17.22
C ARG B 59 0.53 32.92 -18.63
N VAL B 60 -0.26 33.96 -18.79
CA VAL B 60 -0.36 34.69 -20.05
C VAL B 60 0.44 35.99 -20.02
N LEU B 61 0.22 36.81 -18.99
CA LEU B 61 0.88 38.11 -18.88
C LEU B 61 1.43 38.27 -17.48
N TRP B 62 2.73 38.50 -17.37
CA TRP B 62 3.40 38.78 -16.11
C TRP B 62 3.84 40.25 -16.05
N GLN B 63 4.13 40.70 -14.84
CA GLN B 63 4.76 41.99 -14.60
C GLN B 63 5.99 41.79 -13.73
N MET B 64 7.04 42.56 -14.00
CA MET B 64 8.29 42.42 -13.27
C MET B 64 8.89 43.80 -13.03
N ASP B 65 9.29 44.06 -11.79
CA ASP B 65 9.95 45.31 -11.43
C ASP B 65 10.64 45.12 -10.09
N VAL B 66 11.72 45.86 -9.89
CA VAL B 66 12.50 45.80 -8.66
C VAL B 66 11.95 46.82 -7.67
N THR B 67 11.94 46.45 -6.39
CA THR B 67 11.58 47.35 -5.31
C THR B 67 12.69 47.35 -4.27
N HIS B 68 12.67 48.35 -3.40
CA HIS B 68 13.74 48.58 -2.44
C HIS B 68 13.23 48.38 -1.03
N VAL B 69 13.89 47.50 -0.28
CA VAL B 69 13.62 47.28 1.14
C VAL B 69 14.92 47.56 1.87
N SER B 70 15.03 48.76 2.47
CA SER B 70 16.26 49.19 3.10
C SER B 70 16.64 48.34 4.31
N GLU B 71 15.67 47.61 4.88
CA GLU B 71 15.96 46.76 6.04
C GLU B 71 16.79 45.54 5.69
N PHE B 72 17.05 45.29 4.41
CA PHE B 72 17.89 44.18 3.98
C PHE B 72 19.34 44.58 3.75
N GLY B 73 19.63 45.88 3.73
CA GLY B 73 21.00 46.34 3.57
C GLY B 73 21.58 46.09 2.20
N LYS B 74 22.53 45.16 2.11
CA LYS B 74 23.16 44.87 0.82
C LYS B 74 22.19 44.21 -0.15
N LEU B 75 21.25 43.42 0.36
CA LEU B 75 20.25 42.73 -0.45
C LEU B 75 18.93 43.51 -0.52
N LYS B 76 19.00 44.83 -0.67
CA LYS B 76 17.80 45.66 -0.69
C LYS B 76 17.10 45.64 -2.04
N TYR B 77 17.74 45.10 -3.08
CA TYR B 77 17.15 45.06 -4.43
C TYR B 77 16.26 43.83 -4.52
N VAL B 78 14.98 44.01 -4.20
CA VAL B 78 14.01 42.92 -4.23
C VAL B 78 13.35 42.91 -5.61
N HIS B 79 13.66 41.88 -6.39
CA HIS B 79 13.03 41.71 -7.69
C HIS B 79 11.68 41.03 -7.49
N VAL B 80 10.64 41.57 -8.13
CA VAL B 80 9.27 41.10 -7.95
C VAL B 80 8.70 40.71 -9.30
N THR B 81 8.08 39.53 -9.35
CA THR B 81 7.37 39.04 -10.53
C THR B 81 6.00 38.56 -10.09
N VAL B 82 4.96 39.01 -10.78
CA VAL B 82 3.59 38.70 -10.41
C VAL B 82 2.79 38.36 -11.66
N ASP B 83 1.98 37.31 -11.58
CA ASP B 83 1.05 36.97 -12.63
C ASP B 83 -0.16 37.91 -12.57
N THR B 84 -0.51 38.52 -13.69
CA THR B 84 -1.57 39.51 -13.71
C THR B 84 -2.96 38.90 -13.51
N TYR B 85 -3.12 37.61 -13.78
CA TYR B 85 -4.42 36.95 -13.61
C TYR B 85 -4.62 36.44 -12.18
N SER B 86 -3.72 35.57 -11.72
CA SER B 86 -3.89 34.87 -10.45
C SER B 86 -3.24 35.59 -9.28
N HIS B 87 -2.49 36.66 -9.52
CA HIS B 87 -1.75 37.38 -8.49
C HIS B 87 -0.71 36.50 -7.79
N PHE B 88 -0.36 35.37 -8.39
CA PHE B 88 0.72 34.55 -7.87
C PHE B 88 2.02 35.33 -7.95
N THR B 89 2.71 35.44 -6.82
CA THR B 89 3.84 36.36 -6.67
C THR B 89 5.10 35.61 -6.29
N PHE B 90 6.20 35.94 -6.96
CA PHE B 90 7.52 35.44 -6.61
C PHE B 90 8.47 36.62 -6.46
N ALA B 91 9.41 36.51 -5.53
CA ALA B 91 10.32 37.61 -5.25
C ALA B 91 11.65 37.07 -4.72
N THR B 92 12.73 37.78 -5.06
CA THR B 92 14.07 37.46 -4.58
C THR B 92 14.78 38.74 -4.17
N ALA B 93 15.60 38.63 -3.13
CA ALA B 93 16.43 39.73 -2.66
C ALA B 93 17.84 39.52 -3.20
N ARG B 94 18.34 40.49 -3.96
CA ARG B 94 19.64 40.38 -4.61
C ARG B 94 20.49 41.61 -4.29
N THR B 95 21.78 41.51 -4.60
CA THR B 95 22.72 42.57 -4.32
C THR B 95 22.58 43.77 -5.25
N GLY B 96 21.86 43.62 -6.36
CA GLY B 96 21.68 44.72 -7.29
C GLY B 96 20.55 44.44 -8.25
N GLU B 97 20.35 45.38 -9.17
CA GLU B 97 19.35 45.25 -10.22
C GLU B 97 20.01 45.20 -11.59
N ALA B 98 21.18 44.55 -11.66
CA ALA B 98 21.91 44.43 -12.90
C ALA B 98 21.30 43.36 -13.79
N THR B 99 21.87 43.18 -14.99
CA THR B 99 21.36 42.17 -15.91
C THR B 99 21.61 40.76 -15.38
N LYS B 100 22.74 40.56 -14.71
CA LYS B 100 23.00 39.26 -14.08
C LYS B 100 21.95 38.93 -13.03
N ASP B 101 21.53 39.94 -12.24
CA ASP B 101 20.52 39.71 -11.24
C ASP B 101 19.17 39.40 -11.87
N VAL B 102 18.80 40.14 -12.92
CA VAL B 102 17.50 39.92 -13.57
C VAL B 102 17.45 38.54 -14.21
N LEU B 103 18.54 38.13 -14.87
CA LEU B 103 18.54 36.82 -15.53
C LEU B 103 18.36 35.69 -14.53
N GLN B 104 19.02 35.78 -13.37
CA GLN B 104 18.87 34.73 -12.37
C GLN B 104 17.49 34.77 -11.74
N HIS B 105 16.97 35.97 -11.47
CA HIS B 105 15.61 36.10 -10.96
C HIS B 105 14.60 35.54 -11.95
N LEU B 106 14.87 35.71 -13.25
CA LEU B 106 13.98 35.17 -14.27
C LEU B 106 13.97 33.64 -14.26
N ALA B 107 15.16 33.02 -14.14
CA ALA B 107 15.22 31.57 -14.03
C ALA B 107 14.48 31.08 -12.81
N GLN B 108 14.65 31.75 -11.67
CA GLN B 108 13.95 31.34 -10.45
C GLN B 108 12.45 31.53 -10.59
N SER B 109 12.03 32.62 -11.24
CA SER B 109 10.60 32.83 -11.50
C SER B 109 10.00 31.68 -12.29
N PHE B 110 10.73 31.17 -13.29
CA PHE B 110 10.18 30.13 -14.16
C PHE B 110 9.99 28.82 -13.40
N ALA B 111 10.96 28.44 -12.58
CA ALA B 111 10.80 27.26 -11.73
C ALA B 111 9.66 27.44 -10.73
N TYR B 112 9.43 28.67 -10.27
CA TYR B 112 8.43 28.93 -9.26
C TYR B 112 7.03 29.02 -9.86
N MET B 113 6.90 29.61 -11.05
CA MET B 113 5.59 29.95 -11.59
C MET B 113 5.31 29.39 -12.98
N GLY B 114 6.30 28.85 -13.67
CA GLY B 114 6.12 28.42 -15.05
C GLY B 114 6.58 29.46 -16.06
N ILE B 115 6.14 29.28 -17.29
CA ILE B 115 6.48 30.16 -18.40
C ILE B 115 5.27 31.02 -18.73
N PRO B 116 5.41 32.34 -18.81
CA PRO B 116 4.34 33.20 -19.33
C PRO B 116 4.50 33.41 -20.83
N GLN B 117 3.44 33.93 -21.45
CA GLN B 117 3.53 34.32 -22.85
C GLN B 117 4.18 35.69 -23.01
N LYS B 118 3.86 36.63 -22.12
CA LYS B 118 4.37 37.99 -22.21
C LYS B 118 4.78 38.46 -20.82
N ILE B 119 5.77 39.36 -20.79
CA ILE B 119 6.24 39.98 -19.56
C ILE B 119 6.32 41.49 -19.78
N LYS B 120 5.79 42.26 -18.83
CA LYS B 120 5.80 43.71 -18.87
C LYS B 120 6.72 44.24 -17.79
N THR B 121 7.71 45.03 -18.19
CA THR B 121 8.62 45.71 -17.28
C THR B 121 8.60 47.21 -17.58
N ASP B 122 9.25 47.98 -16.72
CA ASP B 122 9.47 49.39 -16.99
C ASP B 122 10.62 49.56 -17.98
N ASN B 123 11.17 50.77 -18.07
CA ASN B 123 12.26 51.06 -19.00
C ASN B 123 13.62 51.03 -18.33
N ALA B 124 13.78 50.18 -17.31
CA ALA B 124 15.05 50.10 -16.61
C ALA B 124 16.14 49.61 -17.57
N PRO B 125 17.38 50.10 -17.39
CA PRO B 125 18.48 49.66 -18.28
C PRO B 125 18.65 48.15 -18.36
N ALA B 126 18.60 47.46 -17.22
CA ALA B 126 18.80 46.01 -17.23
C ALA B 126 17.75 45.31 -18.09
N TYR B 127 16.48 45.68 -17.94
CA TYR B 127 15.41 44.99 -18.64
C TYR B 127 15.54 45.16 -20.15
N VAL B 128 15.92 46.35 -20.61
CA VAL B 128 16.02 46.62 -22.04
C VAL B 128 17.37 46.19 -22.62
N SER B 129 18.24 45.59 -21.81
CA SER B 129 19.56 45.20 -22.28
C SER B 129 19.44 44.08 -23.32
N ARG B 130 20.55 43.85 -24.03
CA ARG B 130 20.55 42.85 -25.09
C ARG B 130 20.55 41.43 -24.51
N SER B 131 21.16 41.24 -23.35
CA SER B 131 21.14 39.93 -22.72
C SER B 131 19.72 39.50 -22.38
N ILE B 132 18.91 40.43 -21.86
CA ILE B 132 17.52 40.10 -21.56
C ILE B 132 16.74 39.86 -22.83
N GLN B 133 16.94 40.71 -23.84
CA GLN B 133 16.23 40.54 -25.11
C GLN B 133 16.54 39.19 -25.74
N GLU B 134 17.82 38.83 -25.82
CA GLU B 134 18.20 37.55 -26.44
C GLU B 134 17.92 36.35 -25.54
N PHE B 135 17.86 36.53 -24.23
CA PHE B 135 17.46 35.45 -23.34
C PHE B 135 15.99 35.08 -23.55
N LEU B 136 15.11 36.08 -23.51
CA LEU B 136 13.68 35.85 -23.73
C LEU B 136 13.40 35.36 -25.14
N ALA B 137 14.29 35.69 -26.09
CA ALA B 137 14.09 35.25 -27.47
C ALA B 137 14.18 33.72 -27.58
N ARG B 138 15.21 33.13 -26.98
CA ARG B 138 15.32 31.67 -26.98
C ARG B 138 14.16 31.02 -26.26
N TRP B 139 13.70 31.63 -25.17
CA TRP B 139 12.60 31.09 -24.38
C TRP B 139 11.24 31.26 -25.04
N LYS B 140 11.18 31.92 -26.21
CA LYS B 140 9.93 32.19 -26.92
C LYS B 140 8.94 32.94 -26.04
N ILE B 141 9.43 34.01 -25.40
CA ILE B 141 8.64 34.84 -24.51
C ILE B 141 8.66 36.26 -25.04
N SER B 142 7.49 36.84 -25.24
CA SER B 142 7.40 38.22 -25.69
C SER B 142 7.61 39.18 -24.53
N HIS B 143 8.13 40.36 -24.85
CA HIS B 143 8.44 41.37 -23.85
C HIS B 143 7.83 42.70 -24.25
N VAL B 144 7.27 43.41 -23.27
CA VAL B 144 6.63 44.70 -23.53
C VAL B 144 7.31 45.80 -22.70
N GLN B 154 1.06 49.35 -14.95
CA GLN B 154 2.13 48.96 -14.05
C GLN B 154 1.63 48.89 -12.60
N ALA B 155 0.34 49.21 -12.43
CA ALA B 155 -0.22 49.34 -11.08
C ALA B 155 -0.29 48.00 -10.36
N ILE B 156 -0.37 46.89 -11.09
CA ILE B 156 -0.52 45.58 -10.44
C ILE B 156 0.73 45.20 -9.68
N VAL B 157 1.90 45.40 -10.29
CA VAL B 157 3.15 45.03 -9.62
C VAL B 157 3.50 46.04 -8.53
N GLU B 158 3.05 47.28 -8.67
CA GLU B 158 3.26 48.26 -7.61
C GLU B 158 2.48 47.89 -6.36
N ARG B 159 1.24 47.42 -6.52
CA ARG B 159 0.47 46.93 -5.39
C ARG B 159 1.14 45.71 -4.77
N THR B 160 1.74 44.87 -5.60
CA THR B 160 2.46 43.70 -5.07
C THR B 160 3.61 44.12 -4.17
N HIS B 161 4.32 45.18 -4.54
CA HIS B 161 5.36 45.75 -3.66
C HIS B 161 4.79 46.07 -2.29
N GLN B 162 3.64 46.75 -2.26
CA GLN B 162 2.99 47.09 -0.99
C GLN B 162 2.62 45.83 -0.21
N ASN B 163 2.05 44.84 -0.90
CA ASN B 163 1.62 43.62 -0.22
C ASN B 163 2.82 42.86 0.33
N ILE B 164 3.94 42.85 -0.39
CA ILE B 164 5.13 42.16 0.09
C ILE B 164 5.70 42.88 1.31
N LYS B 165 5.89 44.20 1.19
CA LYS B 165 6.44 44.97 2.31
C LYS B 165 5.55 44.89 3.53
N ALA B 166 4.23 44.84 3.34
CA ALA B 166 3.31 44.74 4.47
C ALA B 166 3.53 43.43 5.23
N GLN B 167 3.60 42.31 4.51
CA GLN B 167 3.80 41.02 5.16
C GLN B 167 5.17 40.94 5.81
N LEU B 168 6.19 41.54 5.19
CA LEU B 168 7.52 41.54 5.78
C LEU B 168 7.51 42.20 7.15
N ASN B 169 6.84 43.35 7.27
CA ASN B 169 6.78 44.05 8.55
C ASN B 169 6.13 43.20 9.64
N LYS B 170 5.04 42.50 9.30
CA LYS B 170 4.32 41.72 10.28
C LYS B 170 5.14 40.57 10.84
N LEU B 171 6.07 40.03 10.06
CA LEU B 171 6.73 38.78 10.42
C LEU B 171 7.82 38.96 11.48
N GLN B 172 8.39 40.14 11.61
CA GLN B 172 9.40 40.40 12.63
C GLN B 172 8.86 40.14 14.04
N LYS B 176 12.30 36.01 14.97
CA LYS B 176 13.55 36.37 14.31
C LYS B 176 13.86 35.41 13.17
N TYR B 177 14.46 35.94 12.11
CA TYR B 177 14.85 35.16 10.93
C TYR B 177 16.37 35.18 10.79
N TYR B 178 16.87 34.35 9.87
CA TYR B 178 18.30 34.22 9.66
C TYR B 178 18.84 35.24 8.67
N THR B 179 18.27 35.27 7.47
CA THR B 179 18.65 36.18 6.40
C THR B 179 17.41 36.77 5.77
N PRO B 180 17.55 37.83 4.98
CA PRO B 180 16.41 38.32 4.19
C PRO B 180 15.79 37.23 3.31
N HIS B 181 16.58 36.26 2.86
CA HIS B 181 16.02 35.13 2.13
C HIS B 181 15.01 34.36 2.99
N HIS B 182 15.37 34.10 4.25
CA HIS B 182 14.47 33.42 5.17
C HIS B 182 13.17 34.19 5.35
N LEU B 183 13.26 35.50 5.64
CA LEU B 183 12.08 36.32 5.83
C LEU B 183 11.21 36.32 4.57
N LEU B 184 11.84 36.48 3.40
CA LEU B 184 11.07 36.60 2.17
C LEU B 184 10.34 35.30 1.83
N ALA B 185 11.02 34.16 2.01
CA ALA B 185 10.38 32.87 1.79
C ALA B 185 9.10 32.74 2.62
N HIS B 186 9.16 33.13 3.90
CA HIS B 186 7.98 33.07 4.75
C HIS B 186 6.89 34.00 4.23
N ALA B 187 7.26 35.23 3.88
CA ALA B 187 6.28 36.16 3.32
C ALA B 187 5.63 35.60 2.06
N LEU B 188 6.43 35.06 1.16
CA LEU B 188 5.89 34.50 -0.08
C LEU B 188 4.96 33.32 0.21
N PHE B 189 5.34 32.47 1.17
CA PHE B 189 4.48 31.35 1.55
C PHE B 189 3.11 31.82 2.00
N VAL B 190 3.05 32.87 2.81
CA VAL B 190 1.78 33.35 3.33
C VAL B 190 0.94 33.96 2.21
N LEU B 191 1.54 34.85 1.43
CA LEU B 191 0.81 35.55 0.36
C LEU B 191 0.25 34.57 -0.67
N ASN B 192 1.02 33.53 -1.01
CA ASN B 192 0.65 32.65 -2.10
C ASN B 192 -0.13 31.41 -1.64
N HIS B 193 0.23 30.84 -0.50
CA HIS B 193 -0.31 29.56 -0.09
C HIS B 193 -1.20 29.62 1.15
N VAL B 194 -1.39 30.80 1.75
CA VAL B 194 -2.19 30.89 2.96
C VAL B 194 -3.33 31.89 2.78
N ASN B 195 -2.99 33.14 2.47
CA ASN B 195 -4.02 34.15 2.23
C ASN B 195 -4.94 33.73 1.10
N MET B 196 -6.23 34.01 1.27
CA MET B 196 -7.25 33.59 0.32
C MET B 196 -8.21 34.72 0.04
N ASP B 197 -8.98 34.57 -1.03
CA ASP B 197 -9.96 35.56 -1.46
C ASP B 197 -11.29 35.31 -0.75
N ASN B 198 -12.34 35.99 -1.21
CA ASN B 198 -13.64 35.89 -0.55
C ASN B 198 -14.25 34.50 -0.70
N GLN B 199 -13.98 33.82 -1.81
CA GLN B 199 -14.50 32.48 -2.03
C GLN B 199 -13.54 31.38 -1.56
N GLY B 200 -12.44 31.76 -0.91
CA GLY B 200 -11.61 30.78 -0.23
C GLY B 200 -10.54 30.11 -1.07
N HIS B 201 -9.95 30.81 -2.03
CA HIS B 201 -8.91 30.26 -2.87
C HIS B 201 -7.62 31.05 -2.69
N THR B 202 -6.49 30.33 -2.69
CA THR B 202 -5.17 30.94 -2.61
C THR B 202 -4.68 31.33 -4.00
N ALA B 203 -3.61 32.11 -4.03
CA ALA B 203 -3.00 32.48 -5.31
C ALA B 203 -2.41 31.27 -6.01
N ALA B 204 -1.91 30.29 -5.26
CA ALA B 204 -1.41 29.06 -5.86
C ALA B 204 -2.54 28.27 -6.52
N GLU B 205 -3.68 28.15 -5.83
CA GLU B 205 -4.81 27.42 -6.39
C GLU B 205 -5.36 28.10 -7.64
N ARG B 206 -5.37 29.44 -7.65
CA ARG B 206 -5.80 30.17 -8.83
C ARG B 206 -4.77 30.08 -9.95
N HIS B 207 -3.49 29.96 -9.61
CA HIS B 207 -2.46 29.88 -10.65
C HIS B 207 -2.45 28.52 -11.33
N TRP B 208 -2.92 27.48 -10.65
CA TRP B 208 -2.93 26.12 -11.17
C TRP B 208 -4.32 25.52 -11.07
N GLY B 209 -5.32 26.28 -11.51
CA GLY B 209 -6.69 25.82 -11.47
C GLY B 209 -7.52 26.29 -12.64
N GLY C 50 10.06 -13.62 19.37
CA GLY C 50 9.46 -14.54 18.41
C GLY C 50 8.72 -13.83 17.29
N VAL C 51 8.80 -14.38 16.08
CA VAL C 51 8.15 -13.83 14.90
C VAL C 51 7.34 -14.97 14.28
N ASN C 52 6.07 -15.07 14.67
CA ASN C 52 5.18 -16.09 14.13
C ASN C 52 4.74 -15.73 12.72
N PRO C 53 4.18 -16.67 11.97
CA PRO C 53 3.58 -16.33 10.68
C PRO C 53 2.39 -15.39 10.87
N ARG C 54 2.50 -14.20 10.27
CA ARG C 54 1.48 -13.17 10.37
C ARG C 54 0.83 -12.94 9.02
N GLY C 55 -0.18 -12.08 9.01
CA GLY C 55 -0.91 -11.79 7.79
C GLY C 55 -0.20 -10.75 6.93
N LEU C 56 -0.28 -10.93 5.61
CA LEU C 56 0.32 -9.99 4.68
C LEU C 56 -0.55 -8.77 4.43
N LYS C 57 -1.84 -8.88 4.70
CA LYS C 57 -2.77 -7.74 4.60
C LYS C 57 -3.87 -7.98 5.63
N PRO C 58 -4.66 -6.95 5.94
CA PRO C 58 -5.58 -7.07 7.07
C PRO C 58 -6.68 -8.09 6.82
N ARG C 59 -7.22 -8.60 7.93
CA ARG C 59 -8.35 -9.55 7.92
C ARG C 59 -8.02 -10.84 7.18
N VAL C 60 -6.75 -11.24 7.20
CA VAL C 60 -6.32 -12.52 6.64
C VAL C 60 -6.09 -13.55 7.74
N LEU C 61 -5.29 -13.21 8.75
CA LEU C 61 -4.96 -14.12 9.83
C LEU C 61 -5.12 -13.42 11.17
N TRP C 62 -5.96 -13.98 12.04
CA TRP C 62 -6.14 -13.49 13.39
C TRP C 62 -5.55 -14.47 14.40
N GLN C 63 -5.35 -13.97 15.61
CA GLN C 63 -4.99 -14.82 16.75
C GLN C 63 -5.95 -14.55 17.89
N MET C 64 -6.31 -15.59 18.62
CA MET C 64 -7.26 -15.49 19.72
C MET C 64 -6.82 -16.39 20.86
N ASP C 65 -6.82 -15.85 22.07
CA ASP C 65 -6.50 -16.62 23.26
C ASP C 65 -7.00 -15.87 24.48
N VAL C 66 -7.32 -16.62 25.53
CA VAL C 66 -7.82 -16.04 26.77
C VAL C 66 -6.65 -15.75 27.69
N THR C 67 -6.73 -14.64 28.42
CA THR C 67 -5.77 -14.29 29.44
C THR C 67 -6.52 -13.97 30.72
N HIS C 68 -5.78 -13.88 31.84
CA HIS C 68 -6.38 -13.76 33.16
C HIS C 68 -5.99 -12.43 33.79
N VAL C 69 -6.99 -11.68 34.24
CA VAL C 69 -6.81 -10.43 34.94
C VAL C 69 -7.57 -10.56 36.26
N SER C 70 -6.85 -10.93 37.33
CA SER C 70 -7.51 -11.19 38.61
C SER C 70 -8.13 -9.94 39.21
N GLU C 71 -7.77 -8.76 38.72
CA GLU C 71 -8.38 -7.51 39.19
C GLU C 71 -9.79 -7.31 38.66
N PHE C 72 -10.35 -8.28 37.94
CA PHE C 72 -11.72 -8.22 37.47
C PHE C 72 -12.66 -9.14 38.23
N GLY C 73 -12.12 -10.05 39.04
CA GLY C 73 -12.94 -10.95 39.83
C GLY C 73 -13.66 -11.99 39.01
N LYS C 74 -14.98 -11.88 38.91
CA LYS C 74 -15.76 -12.84 38.12
C LYS C 74 -15.47 -12.70 36.64
N LEU C 75 -15.18 -11.49 36.17
CA LEU C 75 -14.88 -11.23 34.77
C LEU C 75 -13.38 -11.30 34.47
N LYS C 76 -12.64 -12.16 35.16
CA LYS C 76 -11.20 -12.26 34.97
C LYS C 76 -10.83 -12.96 33.66
N TYR C 77 -11.76 -13.65 33.02
CA TYR C 77 -11.49 -14.32 31.75
C TYR C 77 -11.60 -13.30 30.63
N VAL C 78 -10.46 -12.73 30.24
CA VAL C 78 -10.41 -11.71 29.20
C VAL C 78 -10.05 -12.39 27.89
N HIS C 79 -11.01 -12.45 26.97
CA HIS C 79 -10.77 -13.00 25.64
C HIS C 79 -10.15 -11.92 24.77
N VAL C 80 -9.09 -12.28 24.05
CA VAL C 80 -8.31 -11.34 23.26
C VAL C 80 -8.27 -11.81 21.83
N THR C 81 -8.55 -10.90 20.90
CA THR C 81 -8.45 -11.16 19.47
C THR C 81 -7.63 -10.05 18.82
N VAL C 82 -6.64 -10.43 18.02
CA VAL C 82 -5.72 -9.47 17.41
C VAL C 82 -5.48 -9.87 15.96
N ASP C 83 -5.49 -8.89 15.08
CA ASP C 83 -5.12 -9.10 13.68
C ASP C 83 -3.60 -9.18 13.58
N THR C 84 -3.10 -10.22 12.91
CA THR C 84 -1.67 -10.43 12.85
C THR C 84 -0.97 -9.41 11.94
N TYR C 85 -1.70 -8.79 11.02
CA TYR C 85 -1.11 -7.78 10.14
C TYR C 85 -1.12 -6.39 10.76
N SER C 86 -2.29 -5.89 11.12
CA SER C 86 -2.44 -4.51 11.55
C SER C 86 -2.32 -4.35 13.06
N HIS C 87 -2.23 -5.45 13.81
CA HIS C 87 -2.20 -5.44 15.28
C HIS C 87 -3.45 -4.82 15.88
N PHE C 88 -4.52 -4.70 15.08
CA PHE C 88 -5.80 -4.26 15.60
C PHE C 88 -6.32 -5.29 16.60
N THR C 89 -6.65 -4.82 17.80
CA THR C 89 -6.91 -5.70 18.94
C THR C 89 -8.32 -5.45 19.47
N PHE C 90 -9.03 -6.54 19.73
CA PHE C 90 -10.34 -6.50 20.39
C PHE C 90 -10.31 -7.43 21.59
N ALA C 91 -11.00 -7.04 22.66
CA ALA C 91 -10.99 -7.83 23.88
C ALA C 91 -12.31 -7.66 24.62
N THR C 92 -12.70 -8.72 25.34
CA THR C 92 -13.89 -8.69 26.18
C THR C 92 -13.58 -9.40 27.49
N ALA C 93 -14.23 -8.95 28.57
CA ALA C 93 -14.10 -9.58 29.88
C ALA C 93 -15.36 -10.37 30.16
N ARG C 94 -15.21 -11.68 30.38
CA ARG C 94 -16.34 -12.58 30.54
C ARG C 94 -16.16 -13.43 31.80
N THR C 95 -17.25 -14.10 32.19
CA THR C 95 -17.26 -14.88 33.42
C THR C 95 -16.51 -16.21 33.29
N GLY C 96 -16.15 -16.62 32.08
CA GLY C 96 -15.47 -17.88 31.90
C GLY C 96 -14.83 -17.98 30.53
N GLU C 97 -14.31 -19.17 30.25
CA GLU C 97 -13.69 -19.48 28.96
C GLU C 97 -14.36 -20.68 28.30
N ALA C 98 -15.66 -20.84 28.54
CA ALA C 98 -16.41 -21.97 27.99
C ALA C 98 -16.77 -21.69 26.53
N THR C 99 -17.52 -22.63 25.93
CA THR C 99 -17.91 -22.49 24.54
C THR C 99 -18.90 -21.36 24.34
N LYS C 100 -19.78 -21.12 25.31
CA LYS C 100 -20.74 -20.02 25.22
C LYS C 100 -20.02 -18.67 25.20
N ASP C 101 -18.97 -18.53 26.00
CA ASP C 101 -18.22 -17.28 26.05
C ASP C 101 -17.49 -17.01 24.74
N VAL C 102 -16.86 -18.05 24.17
CA VAL C 102 -16.08 -17.87 22.95
C VAL C 102 -16.98 -17.47 21.79
N LEU C 103 -18.16 -18.09 21.69
CA LEU C 103 -19.07 -17.79 20.59
C LEU C 103 -19.50 -16.32 20.63
N GLN C 104 -19.81 -15.80 21.82
CA GLN C 104 -20.21 -14.40 21.91
C GLN C 104 -19.05 -13.46 21.64
N HIS C 105 -17.86 -13.79 22.16
CA HIS C 105 -16.67 -12.99 21.87
C HIS C 105 -16.37 -12.98 20.38
N LEU C 106 -16.61 -14.10 19.70
CA LEU C 106 -16.38 -14.15 18.26
C LEU C 106 -17.33 -13.22 17.52
N ALA C 107 -18.60 -13.22 17.91
CA ALA C 107 -19.56 -12.29 17.31
C ALA C 107 -19.15 -10.85 17.55
N GLN C 108 -18.72 -10.53 18.77
CA GLN C 108 -18.28 -9.16 19.07
C GLN C 108 -17.04 -8.79 18.29
N SER C 109 -16.10 -9.72 18.13
CA SER C 109 -14.91 -9.48 17.31
C SER C 109 -15.29 -9.11 15.89
N PHE C 110 -16.29 -9.77 15.32
CA PHE C 110 -16.63 -9.56 13.92
C PHE C 110 -17.24 -8.17 13.71
N ALA C 111 -18.13 -7.74 14.61
CA ALA C 111 -18.65 -6.39 14.53
C ALA C 111 -17.56 -5.35 14.73
N TYR C 112 -16.55 -5.67 15.56
CA TYR C 112 -15.51 -4.71 15.86
C TYR C 112 -14.43 -4.68 14.77
N MET C 113 -14.11 -5.82 14.18
CA MET C 113 -12.94 -5.94 13.31
C MET C 113 -13.25 -6.47 11.91
N GLY C 114 -14.44 -6.99 11.67
CA GLY C 114 -14.74 -7.62 10.40
C GLY C 114 -14.58 -9.13 10.44
N ILE C 115 -14.51 -9.73 9.27
CA ILE C 115 -14.36 -11.17 9.11
C ILE C 115 -12.93 -11.47 8.68
N PRO C 116 -12.23 -12.37 9.36
CA PRO C 116 -10.93 -12.84 8.86
C PRO C 116 -11.12 -14.09 8.01
N GLN C 117 -10.05 -14.42 7.28
CA GLN C 117 -10.04 -15.69 6.55
C GLN C 117 -9.67 -16.85 7.47
N LYS C 118 -8.72 -16.63 8.38
CA LYS C 118 -8.24 -17.66 9.28
C LYS C 118 -8.09 -17.09 10.68
N ILE C 119 -8.26 -17.97 11.68
CA ILE C 119 -8.07 -17.63 13.08
C ILE C 119 -7.20 -18.71 13.71
N LYS C 120 -6.18 -18.29 14.46
CA LYS C 120 -5.28 -19.22 15.14
C LYS C 120 -5.50 -19.14 16.63
N THR C 121 -5.82 -20.28 17.24
CA THR C 121 -5.95 -20.41 18.69
C THR C 121 -5.03 -21.52 19.18
N ASP C 122 -4.93 -21.64 20.50
CA ASP C 122 -4.24 -22.78 21.09
C ASP C 122 -5.15 -24.00 21.07
N ASN C 123 -4.82 -25.02 21.88
CA ASN C 123 -5.58 -26.27 21.90
C ASN C 123 -6.55 -26.33 23.07
N ALA C 124 -7.09 -25.17 23.48
CA ALA C 124 -8.04 -25.15 24.59
C ALA C 124 -9.28 -25.96 24.24
N PRO C 125 -9.89 -26.62 25.24
CA PRO C 125 -11.10 -27.42 24.96
C PRO C 125 -12.21 -26.64 24.27
N ALA C 126 -12.48 -25.41 24.71
CA ALA C 126 -13.57 -24.63 24.13
C ALA C 126 -13.34 -24.39 22.63
N TYR C 127 -12.12 -24.03 22.26
CA TYR C 127 -11.84 -23.68 20.87
C TYR C 127 -12.03 -24.87 19.94
N VAL C 128 -11.62 -26.06 20.37
CA VAL C 128 -11.71 -27.26 19.54
C VAL C 128 -13.08 -27.93 19.62
N SER C 129 -14.03 -27.35 20.34
CA SER C 129 -15.34 -27.97 20.49
C SER C 129 -16.08 -27.97 19.15
N ARG C 130 -17.16 -28.76 19.10
CA ARG C 130 -17.92 -28.89 17.85
C ARG C 130 -18.74 -27.64 17.57
N SER C 131 -19.20 -26.94 18.60
CA SER C 131 -19.94 -25.70 18.38
C SER C 131 -19.07 -24.65 17.69
N ILE C 132 -17.82 -24.53 18.12
CA ILE C 132 -16.91 -23.57 17.50
C ILE C 132 -16.57 -24.01 16.07
N GLN C 133 -16.29 -25.30 15.89
CA GLN C 133 -15.96 -25.81 14.55
C GLN C 133 -17.10 -25.55 13.57
N GLU C 134 -18.33 -25.89 13.97
CA GLU C 134 -19.48 -25.70 13.09
C GLU C 134 -19.90 -24.26 12.97
N PHE C 135 -19.58 -23.41 13.96
CA PHE C 135 -19.85 -21.99 13.85
C PHE C 135 -18.97 -21.36 12.77
N LEU C 136 -17.65 -21.60 12.84
CA LEU C 136 -16.74 -21.07 11.82
C LEU C 136 -17.03 -21.66 10.45
N ALA C 137 -17.62 -22.85 10.40
CA ALA C 137 -17.96 -23.47 9.12
C ALA C 137 -19.04 -22.66 8.40
N ARG C 138 -20.11 -22.30 9.11
CA ARG C 138 -21.16 -21.48 8.50
C ARG C 138 -20.62 -20.09 8.13
N TRP C 139 -19.69 -19.56 8.91
CA TRP C 139 -19.13 -18.24 8.65
C TRP C 139 -18.04 -18.26 7.59
N LYS C 140 -17.73 -19.43 7.00
CA LYS C 140 -16.69 -19.57 6.00
C LYS C 140 -15.35 -19.04 6.51
N ILE C 141 -15.04 -19.35 7.77
CA ILE C 141 -13.81 -18.92 8.42
C ILE C 141 -13.02 -20.16 8.80
N SER C 142 -11.76 -20.22 8.36
CA SER C 142 -10.92 -21.37 8.63
C SER C 142 -10.24 -21.23 10.00
N HIS C 143 -9.87 -22.38 10.56
CA HIS C 143 -9.26 -22.44 11.88
C HIS C 143 -8.01 -23.30 11.82
N VAL C 144 -6.95 -22.84 12.50
CA VAL C 144 -5.66 -23.53 12.51
C VAL C 144 -5.18 -23.65 13.95
N THR C 145 -4.22 -24.55 14.14
CA THR C 145 -3.61 -24.75 15.45
C THR C 145 -2.10 -24.89 15.34
N GLN C 154 2.29 -18.02 18.41
CA GLN C 154 1.34 -17.58 19.43
C GLN C 154 1.90 -16.39 20.21
N ALA C 155 3.07 -15.91 19.78
CA ALA C 155 3.73 -14.81 20.48
C ALA C 155 3.05 -13.47 20.23
N ILE C 156 2.37 -13.31 19.08
CA ILE C 156 1.75 -12.03 18.76
C ILE C 156 0.61 -11.74 19.72
N VAL C 157 -0.27 -12.71 19.96
CA VAL C 157 -1.36 -12.50 20.90
C VAL C 157 -0.85 -12.49 22.32
N GLU C 158 0.26 -13.19 22.60
CA GLU C 158 0.85 -13.14 23.93
C GLU C 158 1.38 -11.74 24.24
N ARG C 159 2.02 -11.10 23.26
CA ARG C 159 2.43 -9.71 23.44
C ARG C 159 1.23 -8.80 23.60
N THR C 160 0.14 -9.11 22.90
CA THR C 160 -1.09 -8.33 23.05
C THR C 160 -1.60 -8.39 24.48
N HIS C 161 -1.53 -9.58 25.11
CA HIS C 161 -1.85 -9.69 26.53
C HIS C 161 -1.05 -8.71 27.35
N GLN C 162 0.27 -8.65 27.11
CA GLN C 162 1.13 -7.72 27.83
C GLN C 162 0.71 -6.27 27.56
N ASN C 163 0.45 -5.94 26.29
CA ASN C 163 0.08 -4.58 25.96
C ASN C 163 -1.25 -4.19 26.58
N ILE C 164 -2.20 -5.12 26.62
CA ILE C 164 -3.49 -4.84 27.24
C ILE C 164 -3.35 -4.65 28.74
N LYS C 165 -2.68 -5.59 29.41
CA LYS C 165 -2.49 -5.48 30.85
C LYS C 165 -1.71 -4.23 31.22
N ALA C 166 -0.75 -3.84 30.38
CA ALA C 166 0.02 -2.63 30.64
C ALA C 166 -0.87 -1.40 30.61
N GLN C 167 -1.70 -1.28 29.58
CA GLN C 167 -2.59 -0.12 29.48
C GLN C 167 -3.64 -0.11 30.58
N LEU C 168 -4.12 -1.29 30.98
CA LEU C 168 -5.10 -1.35 32.07
C LEU C 168 -4.54 -0.77 33.35
N ASN C 169 -3.30 -1.12 33.70
CA ASN C 169 -2.69 -0.62 34.93
C ASN C 169 -2.59 0.90 34.93
N LYS C 170 -2.19 1.49 33.79
CA LYS C 170 -2.00 2.93 33.72
C LYS C 170 -3.29 3.70 33.95
N LEU C 171 -4.44 3.11 33.58
CA LEU C 171 -5.69 3.87 33.53
C LEU C 171 -6.34 4.04 34.90
N GLN C 172 -6.04 3.15 35.86
CA GLN C 172 -6.59 3.30 37.21
C GLN C 172 -6.21 4.63 37.84
N LYS C 173 -4.90 4.94 37.83
CA LYS C 173 -4.40 6.11 38.53
C LYS C 173 -4.90 7.42 37.95
N ALA C 174 -5.47 7.40 36.75
CA ALA C 174 -6.03 8.61 36.17
C ALA C 174 -7.42 8.91 36.74
N GLY C 175 -8.24 7.88 36.92
CA GLY C 175 -9.57 8.06 37.46
C GLY C 175 -10.25 6.72 37.67
N LYS C 176 -11.31 6.77 38.46
CA LYS C 176 -12.07 5.57 38.78
C LYS C 176 -13.03 5.23 37.64
N TYR C 177 -13.22 3.93 37.43
CA TYR C 177 -14.13 3.41 36.41
C TYR C 177 -15.29 2.68 37.07
N TYR C 178 -16.29 2.33 36.26
CA TYR C 178 -17.50 1.69 36.77
C TYR C 178 -17.37 0.17 36.83
N THR C 179 -17.06 -0.45 35.70
CA THR C 179 -16.92 -1.89 35.57
C THR C 179 -15.67 -2.20 34.77
N PRO C 180 -15.22 -3.45 34.80
CA PRO C 180 -14.14 -3.87 33.89
C PRO C 180 -14.47 -3.62 32.42
N HIS C 181 -15.74 -3.65 32.04
CA HIS C 181 -16.11 -3.29 30.67
C HIS C 181 -15.72 -1.85 30.37
N HIS C 182 -16.01 -0.94 31.31
CA HIS C 182 -15.61 0.45 31.15
C HIS C 182 -14.11 0.58 30.99
N LEU C 183 -13.35 -0.03 31.91
CA LEU C 183 -11.89 0.03 31.85
C LEU C 183 -11.36 -0.52 30.53
N LEU C 184 -11.88 -1.68 30.10
CA LEU C 184 -11.36 -2.33 28.91
C LEU C 184 -11.64 -1.52 27.65
N ALA C 185 -12.85 -0.95 27.55
CA ALA C 185 -13.17 -0.08 26.42
C ALA C 185 -12.17 1.05 26.28
N HIS C 186 -11.81 1.69 27.40
CA HIS C 186 -10.85 2.78 27.37
C HIS C 186 -9.48 2.29 26.91
N ALA C 187 -9.03 1.16 27.46
CA ALA C 187 -7.76 0.58 27.03
C ALA C 187 -7.74 0.29 25.54
N LEU C 188 -8.81 -0.33 25.03
CA LEU C 188 -8.87 -0.65 23.61
C LEU C 188 -8.85 0.62 22.76
N PHE C 189 -9.57 1.65 23.21
CA PHE C 189 -9.56 2.93 22.49
C PHE C 189 -8.14 3.48 22.34
N VAL C 190 -7.35 3.43 23.42
CA VAL C 190 -6.00 4.01 23.36
C VAL C 190 -5.11 3.17 22.46
N LEU C 191 -5.11 1.85 22.65
CA LEU C 191 -4.24 0.98 21.87
C LEU C 191 -4.55 1.05 20.38
N ASN C 192 -5.84 1.13 20.03
CA ASN C 192 -6.24 1.02 18.64
C ASN C 192 -6.37 2.38 17.94
N HIS C 193 -6.88 3.39 18.64
CA HIS C 193 -7.23 4.65 18.00
C HIS C 193 -6.36 5.81 18.44
N VAL C 194 -5.43 5.61 19.37
CA VAL C 194 -4.60 6.70 19.87
C VAL C 194 -3.13 6.38 19.65
N ASN C 195 -2.67 5.27 20.22
CA ASN C 195 -1.28 4.86 20.04
C ASN C 195 -0.98 4.67 18.55
N MET C 196 0.21 5.12 18.15
CA MET C 196 0.60 5.09 16.74
C MET C 196 2.03 4.59 16.60
N ASP C 197 2.37 4.23 15.37
CA ASP C 197 3.71 3.74 15.03
C ASP C 197 4.61 4.93 14.71
N ASN C 198 5.80 4.63 14.16
CA ASN C 198 6.78 5.68 13.91
C ASN C 198 6.32 6.63 12.80
N GLN C 199 5.56 6.13 11.83
CA GLN C 199 5.07 6.96 10.72
C GLN C 199 3.71 7.58 11.01
N GLY C 200 3.19 7.41 12.22
CA GLY C 200 2.02 8.15 12.64
C GLY C 200 0.68 7.52 12.28
N HIS C 201 0.59 6.19 12.27
CA HIS C 201 -0.65 5.51 11.96
C HIS C 201 -1.10 4.68 13.15
N THR C 202 -2.41 4.66 13.38
CA THR C 202 -2.99 3.85 14.44
C THR C 202 -3.26 2.43 13.93
N ALA C 203 -3.56 1.53 14.86
CA ALA C 203 -3.92 0.18 14.47
C ALA C 203 -5.22 0.15 13.68
N ALA C 204 -6.15 1.07 13.99
CA ALA C 204 -7.38 1.17 13.22
C ALA C 204 -7.10 1.62 11.78
N GLU C 205 -6.24 2.62 11.61
CA GLU C 205 -5.94 3.10 10.27
C GLU C 205 -5.22 2.04 9.45
N ARG C 206 -4.35 1.24 10.09
CA ARG C 206 -3.71 0.15 9.38
C ARG C 206 -4.69 -0.98 9.08
N HIS C 207 -5.70 -1.16 9.93
CA HIS C 207 -6.67 -2.22 9.73
C HIS C 207 -7.62 -1.92 8.58
N TRP C 208 -7.87 -0.63 8.30
CA TRP C 208 -8.81 -0.22 7.26
C TRP C 208 -8.12 0.74 6.29
N GLY C 209 -7.01 0.30 5.73
CA GLY C 209 -6.25 1.12 4.81
C GLY C 209 -5.77 0.38 3.57
N LEU D 56 -19.12 16.55 7.06
CA LEU D 56 -18.49 16.60 5.74
C LEU D 56 -17.40 15.55 5.60
N LYS D 57 -16.89 15.08 6.74
CA LYS D 57 -15.90 14.01 6.77
C LYS D 57 -16.09 13.24 8.07
N PRO D 58 -15.53 12.02 8.17
CA PRO D 58 -15.86 11.17 9.33
C PRO D 58 -15.31 11.72 10.64
N ARG D 59 -15.95 11.28 11.72
CA ARG D 59 -15.56 11.61 13.09
C ARG D 59 -15.57 13.11 13.36
N VAL D 60 -16.46 13.83 12.69
CA VAL D 60 -16.70 15.24 12.95
C VAL D 60 -17.96 15.45 13.78
N LEU D 61 -19.07 14.86 13.34
CA LEU D 61 -20.36 15.03 14.01
C LEU D 61 -21.01 13.67 14.17
N TRP D 62 -21.32 13.30 15.41
CA TRP D 62 -22.05 12.08 15.74
C TRP D 62 -23.45 12.42 16.23
N GLN D 63 -24.31 11.40 16.23
CA GLN D 63 -25.62 11.50 16.86
C GLN D 63 -25.77 10.33 17.83
N MET D 64 -26.43 10.58 18.96
CA MET D 64 -26.62 9.58 19.99
C MET D 64 -28.02 9.73 20.58
N ASP D 65 -28.73 8.61 20.70
CA ASP D 65 -30.06 8.60 21.30
C ASP D 65 -30.40 7.17 21.68
N VAL D 66 -31.22 7.04 22.70
CA VAL D 66 -31.65 5.74 23.20
C VAL D 66 -32.93 5.33 22.48
N THR D 67 -33.04 4.05 22.16
CA THR D 67 -34.25 3.48 21.60
C THR D 67 -34.63 2.26 22.43
N HIS D 68 -35.87 1.79 22.25
CA HIS D 68 -36.44 0.74 23.09
C HIS D 68 -36.76 -0.48 22.25
N VAL D 69 -36.23 -1.63 22.65
CA VAL D 69 -36.53 -2.92 22.04
C VAL D 69 -37.10 -3.78 23.16
N SER D 70 -38.44 -3.92 23.18
CA SER D 70 -39.10 -4.66 24.25
C SER D 70 -38.75 -6.14 24.24
N GLU D 71 -38.23 -6.67 23.13
CA GLU D 71 -37.88 -8.08 23.05
C GLU D 71 -36.64 -8.43 23.86
N PHE D 72 -35.93 -7.43 24.39
CA PHE D 72 -34.75 -7.67 25.20
C PHE D 72 -35.06 -7.73 26.70
N GLY D 73 -36.28 -7.38 27.10
CA GLY D 73 -36.66 -7.43 28.49
C GLY D 73 -35.99 -6.37 29.35
N LYS D 74 -35.12 -6.81 30.25
CA LYS D 74 -34.43 -5.86 31.13
C LYS D 74 -33.44 -4.99 30.36
N LEU D 75 -32.85 -5.53 29.31
CA LEU D 75 -31.90 -4.79 28.47
C LEU D 75 -32.58 -4.10 27.30
N LYS D 76 -33.78 -3.56 27.50
CA LYS D 76 -34.52 -2.91 26.43
C LYS D 76 -33.98 -1.53 26.09
N TYR D 77 -33.13 -0.94 26.93
CA TYR D 77 -32.57 0.39 26.67
C TYR D 77 -31.36 0.23 25.76
N VAL D 78 -31.57 0.40 24.46
CA VAL D 78 -30.52 0.26 23.46
C VAL D 78 -29.99 1.64 23.14
N HIS D 79 -28.74 1.91 23.55
CA HIS D 79 -28.10 3.17 23.22
C HIS D 79 -27.49 3.07 21.84
N VAL D 80 -27.72 4.08 21.00
CA VAL D 80 -27.31 4.07 19.61
C VAL D 80 -26.45 5.28 19.34
N THR D 81 -25.30 5.05 18.70
CA THR D 81 -24.40 6.12 18.27
C THR D 81 -24.06 5.90 16.81
N VAL D 82 -24.20 6.94 16.00
CA VAL D 82 -23.99 6.85 14.56
C VAL D 82 -23.21 8.08 14.08
N ASP D 83 -22.24 7.84 13.20
CA ASP D 83 -21.53 8.94 12.56
C ASP D 83 -22.39 9.51 11.44
N THR D 84 -22.55 10.84 11.45
CA THR D 84 -23.44 11.48 10.49
C THR D 84 -22.89 11.44 9.07
N TYR D 85 -21.59 11.26 8.90
CA TYR D 85 -21.00 11.21 7.57
C TYR D 85 -21.03 9.79 6.99
N SER D 86 -20.42 8.84 7.67
CA SER D 86 -20.23 7.49 7.14
C SER D 86 -21.36 6.53 7.51
N HIS D 87 -22.29 6.94 8.37
CA HIS D 87 -23.36 6.08 8.88
C HIS D 87 -22.83 4.88 9.64
N PHE D 88 -21.56 4.92 10.05
CA PHE D 88 -21.01 3.88 10.91
C PHE D 88 -21.76 3.89 12.25
N THR D 89 -22.28 2.74 12.64
CA THR D 89 -23.23 2.64 13.75
C THR D 89 -22.69 1.72 14.83
N PHE D 90 -22.79 2.16 16.08
CA PHE D 90 -22.48 1.34 17.24
C PHE D 90 -23.66 1.38 18.21
N ALA D 91 -23.92 0.26 18.87
CA ALA D 91 -25.08 0.15 19.75
C ALA D 91 -24.79 -0.83 20.87
N THR D 92 -25.38 -0.56 22.04
CA THR D 92 -25.27 -1.45 23.19
C THR D 92 -26.63 -1.56 23.86
N ALA D 93 -26.87 -2.71 24.48
CA ALA D 93 -28.09 -2.95 25.24
C ALA D 93 -27.76 -2.88 26.73
N ARG D 94 -28.43 -1.98 27.44
CA ARG D 94 -28.16 -1.73 28.85
C ARG D 94 -29.45 -1.77 29.65
N THR D 95 -29.31 -1.85 30.97
CA THR D 95 -30.46 -1.97 31.86
C THR D 95 -31.23 -0.65 32.01
N GLY D 96 -30.64 0.47 31.60
CA GLY D 96 -31.32 1.74 31.74
C GLY D 96 -30.68 2.80 30.88
N GLU D 97 -31.22 4.01 30.98
CA GLU D 97 -30.71 5.18 30.26
C GLU D 97 -30.15 6.22 31.22
N ALA D 98 -29.67 5.78 32.38
CA ALA D 98 -29.16 6.69 33.39
C ALA D 98 -27.79 7.23 32.96
N THR D 99 -27.21 8.10 33.80
CA THR D 99 -25.91 8.68 33.50
C THR D 99 -24.81 7.63 33.53
N LYS D 100 -24.93 6.64 34.43
CA LYS D 100 -23.95 5.55 34.46
C LYS D 100 -23.96 4.75 33.17
N ASP D 101 -25.15 4.55 32.59
CA ASP D 101 -25.25 3.81 31.34
C ASP D 101 -24.66 4.60 30.17
N VAL D 102 -24.95 5.90 30.11
CA VAL D 102 -24.47 6.72 28.99
C VAL D 102 -22.95 6.81 28.99
N LEU D 103 -22.35 6.98 30.18
CA LEU D 103 -20.89 7.08 30.25
C LEU D 103 -20.20 5.82 29.74
N GLN D 104 -20.73 4.66 30.10
CA GLN D 104 -20.11 3.41 29.64
C GLN D 104 -20.32 3.20 28.15
N HIS D 105 -21.52 3.51 27.65
CA HIS D 105 -21.76 3.44 26.21
C HIS D 105 -20.85 4.39 25.44
N LEU D 106 -20.56 5.56 26.02
CA LEU D 106 -19.67 6.50 25.36
C LEU D 106 -18.26 5.95 25.25
N ALA D 107 -17.76 5.33 26.32
CA ALA D 107 -16.45 4.69 26.27
C ALA D 107 -16.43 3.57 25.23
N GLN D 108 -17.49 2.76 25.19
CA GLN D 108 -17.56 1.69 24.21
C GLN D 108 -17.66 2.24 22.79
N SER D 109 -18.40 3.32 22.60
CA SER D 109 -18.47 3.97 21.30
C SER D 109 -17.09 4.41 20.82
N PHE D 110 -16.27 4.93 21.74
CA PHE D 110 -14.98 5.48 21.34
C PHE D 110 -14.02 4.38 20.88
N ALA D 111 -13.99 3.25 21.60
CA ALA D 111 -13.19 2.12 21.16
C ALA D 111 -13.68 1.56 19.83
N TYR D 112 -14.99 1.64 19.58
CA TYR D 112 -15.56 1.08 18.36
C TYR D 112 -15.41 2.01 17.16
N MET D 113 -15.52 3.32 17.38
CA MET D 113 -15.62 4.28 16.28
C MET D 113 -14.59 5.39 16.31
N GLY D 114 -13.85 5.57 17.39
CA GLY D 114 -12.94 6.70 17.52
C GLY D 114 -13.54 7.85 18.29
N ILE D 115 -12.91 9.01 18.15
CA ILE D 115 -13.33 10.24 18.82
C ILE D 115 -13.96 11.16 17.77
N PRO D 116 -15.16 11.67 18.02
CA PRO D 116 -15.73 12.72 17.17
C PRO D 116 -15.38 14.11 17.70
N GLN D 117 -15.60 15.10 16.83
CA GLN D 117 -15.46 16.48 17.27
C GLN D 117 -16.70 16.96 18.02
N LYS D 118 -17.89 16.58 17.55
CA LYS D 118 -19.14 17.01 18.15
C LYS D 118 -20.09 15.83 18.23
N ILE D 119 -20.97 15.86 19.23
CA ILE D 119 -22.01 14.86 19.42
C ILE D 119 -23.34 15.57 19.65
N LYS D 120 -24.37 15.13 18.94
CA LYS D 120 -25.71 15.71 19.05
C LYS D 120 -26.64 14.69 19.71
N THR D 121 -27.24 15.08 20.82
CA THR D 121 -28.24 14.28 21.52
C THR D 121 -29.52 15.10 21.67
N ASP D 122 -30.58 14.44 22.14
CA ASP D 122 -31.79 15.16 22.51
C ASP D 122 -31.62 15.82 23.87
N ASN D 123 -32.72 16.20 24.51
CA ASN D 123 -32.68 16.89 25.80
C ASN D 123 -32.94 15.95 26.97
N ALA D 124 -32.56 14.68 26.83
CA ALA D 124 -32.78 13.71 27.88
C ALA D 124 -32.01 14.13 29.15
N PRO D 125 -32.57 13.83 30.33
CA PRO D 125 -31.88 14.21 31.58
C PRO D 125 -30.45 13.69 31.67
N ALA D 126 -30.21 12.42 31.30
CA ALA D 126 -28.87 11.86 31.39
C ALA D 126 -27.87 12.64 30.56
N TYR D 127 -28.23 12.95 29.31
CA TYR D 127 -27.29 13.61 28.40
C TYR D 127 -26.90 14.99 28.90
N VAL D 128 -27.85 15.74 29.47
CA VAL D 128 -27.58 17.09 29.93
C VAL D 128 -27.01 17.11 31.35
N SER D 129 -26.77 15.96 31.96
CA SER D 129 -26.28 15.93 33.33
C SER D 129 -24.86 16.50 33.41
N ARG D 130 -24.44 16.79 34.65
CA ARG D 130 -23.13 17.40 34.86
C ARG D 130 -22.01 16.37 34.67
N SER D 131 -22.28 15.10 34.98
CA SER D 131 -21.28 14.06 34.75
C SER D 131 -20.93 13.95 33.27
N ILE D 132 -21.95 14.00 32.41
CA ILE D 132 -21.71 13.94 30.96
C ILE D 132 -21.00 15.19 30.48
N GLN D 133 -21.43 16.36 30.96
CA GLN D 133 -20.81 17.62 30.57
C GLN D 133 -19.33 17.64 30.91
N GLU D 134 -18.98 17.27 32.15
CA GLU D 134 -17.58 17.30 32.57
C GLU D 134 -16.78 16.14 32.00
N PHE D 135 -17.42 15.03 31.63
CA PHE D 135 -16.72 13.94 30.96
C PHE D 135 -16.26 14.37 29.57
N LEU D 136 -17.18 14.92 28.78
CA LEU D 136 -16.82 15.38 27.43
C LEU D 136 -15.82 16.52 27.48
N ALA D 137 -15.80 17.28 28.57
CA ALA D 137 -14.85 18.38 28.70
C ALA D 137 -13.41 17.87 28.73
N ARG D 138 -13.13 16.86 29.55
CA ARG D 138 -11.79 16.29 29.59
C ARG D 138 -11.42 15.65 28.26
N TRP D 139 -12.39 15.02 27.60
CA TRP D 139 -12.15 14.39 26.30
C TRP D 139 -12.01 15.41 25.18
N LYS D 140 -12.24 16.70 25.45
CA LYS D 140 -12.17 17.76 24.43
C LYS D 140 -13.13 17.49 23.28
N ILE D 141 -14.40 17.25 23.63
CA ILE D 141 -15.46 16.96 22.66
C ILE D 141 -16.62 17.92 22.91
N SER D 142 -17.04 18.62 21.87
CA SER D 142 -18.15 19.55 21.98
C SER D 142 -19.48 18.79 21.97
N HIS D 143 -20.47 19.37 22.64
CA HIS D 143 -21.79 18.77 22.76
C HIS D 143 -22.84 19.78 22.34
N VAL D 144 -23.89 19.30 21.68
CA VAL D 144 -24.97 20.16 21.22
C VAL D 144 -26.32 19.61 21.64
N VAL D 157 -30.28 9.64 13.33
CA VAL D 157 -30.17 8.56 14.31
C VAL D 157 -31.51 7.84 14.45
N GLU D 158 -32.60 8.55 14.16
CA GLU D 158 -33.91 7.90 14.17
C GLU D 158 -34.02 6.87 13.07
N ARG D 159 -33.49 7.17 11.88
CA ARG D 159 -33.43 6.17 10.81
C ARG D 159 -32.53 5.01 11.21
N THR D 160 -31.46 5.29 11.94
CA THR D 160 -30.58 4.22 12.42
C THR D 160 -31.35 3.27 13.35
N HIS D 161 -32.21 3.83 14.21
CA HIS D 161 -33.09 2.99 15.03
C HIS D 161 -33.87 2.02 14.16
N GLN D 162 -34.48 2.52 13.09
CA GLN D 162 -35.22 1.65 12.18
C GLN D 162 -34.31 0.60 11.55
N ASN D 163 -33.12 1.02 11.11
CA ASN D 163 -32.20 0.09 10.46
C ASN D 163 -31.73 -0.98 11.42
N ILE D 164 -31.50 -0.62 12.69
CA ILE D 164 -31.07 -1.59 13.68
C ILE D 164 -32.21 -2.57 13.98
N LYS D 165 -33.41 -2.05 14.27
CA LYS D 165 -34.55 -2.91 14.57
C LYS D 165 -34.88 -3.83 13.39
N ALA D 166 -34.71 -3.34 12.16
CA ALA D 166 -34.97 -4.15 10.98
C ALA D 166 -34.03 -5.36 10.94
N GLN D 167 -32.74 -5.12 11.13
CA GLN D 167 -31.77 -6.22 11.08
C GLN D 167 -31.97 -7.19 12.23
N LEU D 168 -32.35 -6.70 13.41
CA LEU D 168 -32.59 -7.58 14.54
C LEU D 168 -33.70 -8.58 14.24
N ASN D 169 -34.80 -8.11 13.65
CA ASN D 169 -35.93 -8.99 13.33
C ASN D 169 -35.52 -10.10 12.38
N LYS D 170 -34.74 -9.77 11.34
CA LYS D 170 -34.37 -10.75 10.33
C LYS D 170 -33.51 -11.88 10.89
N LEU D 171 -32.74 -11.61 11.94
CA LEU D 171 -31.71 -12.54 12.38
C LEU D 171 -32.28 -13.71 13.20
N GLN D 172 -33.44 -13.54 13.81
CA GLN D 172 -34.06 -14.64 14.57
C GLN D 172 -34.32 -15.85 13.70
N LYS D 176 -30.95 -19.18 16.64
CA LYS D 176 -31.06 -18.76 18.03
C LYS D 176 -29.77 -18.11 18.51
N TYR D 177 -29.91 -17.10 19.38
CA TYR D 177 -28.78 -16.41 19.97
C TYR D 177 -28.76 -16.63 21.47
N TYR D 178 -27.66 -16.21 22.11
CA TYR D 178 -27.47 -16.42 23.54
C TYR D 178 -28.09 -15.31 24.36
N THR D 179 -27.68 -14.07 24.11
CA THR D 179 -28.15 -12.88 24.80
C THR D 179 -28.45 -11.80 23.78
N PRO D 180 -29.17 -10.75 24.19
CA PRO D 180 -29.31 -9.58 23.31
C PRO D 180 -27.98 -9.00 22.87
N HIS D 181 -26.93 -9.14 23.67
CA HIS D 181 -25.59 -8.73 23.25
C HIS D 181 -25.15 -9.51 22.03
N HIS D 182 -25.36 -10.83 22.04
CA HIS D 182 -25.03 -11.67 20.89
C HIS D 182 -25.78 -11.22 19.65
N LEU D 183 -27.10 -11.07 19.76
CA LEU D 183 -27.93 -10.63 18.62
C LEU D 183 -27.46 -9.29 18.09
N LEU D 184 -27.20 -8.33 18.98
CA LEU D 184 -26.85 -6.98 18.54
C LEU D 184 -25.50 -6.96 17.84
N ALA D 185 -24.52 -7.69 18.35
CA ALA D 185 -23.22 -7.80 17.70
C ALA D 185 -23.37 -8.25 16.25
N HIS D 186 -24.20 -9.27 16.01
CA HIS D 186 -24.42 -9.74 14.64
C HIS D 186 -25.05 -8.66 13.78
N ALA D 187 -26.09 -8.00 14.31
CA ALA D 187 -26.72 -6.90 13.58
C ALA D 187 -25.71 -5.80 13.25
N LEU D 188 -24.91 -5.40 14.24
CA LEU D 188 -23.91 -4.36 14.00
C LEU D 188 -22.88 -4.80 12.98
N PHE D 189 -22.46 -6.07 13.04
CA PHE D 189 -21.53 -6.60 12.06
C PHE D 189 -22.07 -6.47 10.64
N VAL D 190 -23.35 -6.81 10.45
CA VAL D 190 -23.94 -6.78 9.11
C VAL D 190 -24.08 -5.34 8.62
N LEU D 191 -24.63 -4.47 9.47
CA LEU D 191 -24.86 -3.08 9.07
C LEU D 191 -23.56 -2.37 8.73
N ASN D 192 -22.49 -2.65 9.48
CA ASN D 192 -21.26 -1.89 9.35
C ASN D 192 -20.25 -2.55 8.40
N HIS D 193 -20.15 -3.87 8.41
CA HIS D 193 -19.09 -4.58 7.70
C HIS D 193 -19.59 -5.42 6.53
N VAL D 194 -20.91 -5.47 6.29
CA VAL D 194 -21.43 -6.33 5.21
C VAL D 194 -22.26 -5.50 4.24
N ASN D 195 -23.31 -4.84 4.72
CA ASN D 195 -24.13 -3.99 3.88
C ASN D 195 -23.29 -2.90 3.22
N MET D 196 -23.57 -2.62 1.95
CA MET D 196 -22.79 -1.67 1.17
C MET D 196 -23.71 -0.75 0.39
N ASP D 197 -23.13 0.34 -0.09
CA ASP D 197 -23.85 1.33 -0.88
C ASP D 197 -23.86 0.94 -2.35
N ASN D 198 -24.29 1.87 -3.21
CA ASN D 198 -24.41 1.56 -4.63
C ASN D 198 -23.05 1.34 -5.29
N GLN D 199 -22.01 2.02 -4.82
CA GLN D 199 -20.67 1.86 -5.37
C GLN D 199 -19.85 0.80 -4.63
N GLY D 200 -20.46 0.07 -3.70
CA GLY D 200 -19.83 -1.09 -3.13
C GLY D 200 -18.93 -0.85 -1.94
N HIS D 201 -19.26 0.12 -1.09
CA HIS D 201 -18.47 0.42 0.10
C HIS D 201 -19.31 0.21 1.35
N THR D 202 -18.69 -0.33 2.40
CA THR D 202 -19.34 -0.51 3.67
C THR D 202 -19.21 0.75 4.53
N ALA D 203 -19.99 0.78 5.61
CA ALA D 203 -19.89 1.90 6.54
C ALA D 203 -18.53 1.95 7.21
N ALA D 204 -17.92 0.79 7.45
CA ALA D 204 -16.56 0.77 8.02
C ALA D 204 -15.55 1.35 7.04
N GLU D 205 -15.65 0.98 5.76
CA GLU D 205 -14.71 1.51 4.77
C GLU D 205 -14.89 3.01 4.59
N ARG D 206 -16.14 3.50 4.67
CA ARG D 206 -16.38 4.93 4.60
C ARG D 206 -15.92 5.64 5.87
N HIS D 207 -15.98 4.95 7.02
CA HIS D 207 -15.57 5.56 8.27
C HIS D 207 -14.06 5.71 8.37
N TRP D 208 -13.30 4.85 7.69
CA TRP D 208 -11.85 4.85 7.75
C TRP D 208 -11.25 4.93 6.34
N GLY D 209 -11.78 5.85 5.53
CA GLY D 209 -11.31 6.01 4.17
C GLY D 209 -11.22 7.45 3.72
N VAL E 51 16.09 -35.69 10.51
CA VAL E 51 15.89 -35.37 9.10
C VAL E 51 17.21 -34.94 8.47
N ASN E 52 17.19 -34.76 7.15
CA ASN E 52 18.37 -34.34 6.41
C ASN E 52 18.53 -32.83 6.47
N PRO E 53 19.72 -32.32 6.15
CA PRO E 53 19.90 -30.86 6.03
C PRO E 53 19.09 -30.32 4.87
N ARG E 54 18.10 -29.48 5.17
CA ARG E 54 17.21 -28.90 4.18
C ARG E 54 17.51 -27.42 3.99
N GLY E 55 16.86 -26.84 2.98
CA GLY E 55 17.05 -25.44 2.70
C GLY E 55 16.28 -24.54 3.65
N LEU E 56 16.86 -23.37 3.93
CA LEU E 56 16.24 -22.40 4.83
C LEU E 56 15.21 -21.54 4.11
N LYS E 57 15.30 -21.44 2.79
CA LYS E 57 14.32 -20.72 1.98
C LYS E 57 14.27 -21.39 0.62
N PRO E 58 13.25 -21.12 -0.19
CA PRO E 58 13.05 -21.91 -1.41
C PRO E 58 14.15 -21.69 -2.43
N ARG E 59 14.31 -22.70 -3.30
CA ARG E 59 15.26 -22.69 -4.41
C ARG E 59 16.71 -22.54 -3.93
N VAL E 60 17.01 -23.06 -2.75
CA VAL E 60 18.37 -23.11 -2.24
C VAL E 60 18.98 -24.51 -2.38
N LEU E 61 18.28 -25.52 -1.91
CA LEU E 61 18.76 -26.90 -1.94
C LEU E 61 17.66 -27.80 -2.45
N TRP E 62 17.94 -28.53 -3.52
CA TRP E 62 17.03 -29.52 -4.08
C TRP E 62 17.59 -30.92 -3.85
N GLN E 63 16.70 -31.90 -4.00
CA GLN E 63 17.10 -33.31 -4.02
C GLN E 63 16.53 -33.96 -5.26
N MET E 64 17.30 -34.87 -5.85
CA MET E 64 16.90 -35.53 -7.08
C MET E 64 17.34 -36.99 -7.04
N ASP E 65 16.43 -37.90 -7.37
CA ASP E 65 16.73 -39.31 -7.44
C ASP E 65 15.65 -40.00 -8.26
N VAL E 66 16.02 -41.10 -8.90
CA VAL E 66 15.10 -41.88 -9.72
C VAL E 66 14.44 -42.95 -8.87
N THR E 67 13.15 -43.19 -9.12
CA THR E 67 12.42 -44.28 -8.51
C THR E 67 11.73 -45.09 -9.60
N HIS E 68 11.25 -46.28 -9.24
CA HIS E 68 10.73 -47.24 -10.20
C HIS E 68 9.25 -47.47 -9.96
N VAL E 69 8.45 -47.26 -11.00
CA VAL E 69 7.02 -47.54 -10.99
C VAL E 69 6.76 -48.55 -12.10
N SER E 70 6.68 -49.84 -11.74
CA SER E 70 6.52 -50.89 -12.73
C SER E 70 5.20 -50.81 -13.48
N GLU E 71 4.22 -50.07 -12.96
CA GLU E 71 2.94 -49.93 -13.62
C GLU E 71 3.00 -49.05 -14.86
N PHE E 72 4.15 -48.45 -15.16
CA PHE E 72 4.31 -47.63 -16.35
C PHE E 72 4.97 -48.39 -17.50
N GLY E 73 5.45 -49.60 -17.26
CA GLY E 73 6.05 -50.40 -18.31
C GLY E 73 7.35 -49.84 -18.83
N LYS E 74 7.32 -49.27 -20.04
CA LYS E 74 8.54 -48.73 -20.63
C LYS E 74 8.96 -47.44 -19.96
N LEU E 75 8.02 -46.69 -19.40
CA LEU E 75 8.30 -45.42 -18.71
C LEU E 75 8.36 -45.58 -17.20
N LYS E 76 8.94 -46.68 -16.72
CA LYS E 76 9.00 -46.94 -15.29
C LYS E 76 10.05 -46.10 -14.56
N TYR E 77 10.97 -45.48 -15.30
CA TYR E 77 12.01 -44.65 -14.70
C TYR E 77 11.42 -43.27 -14.41
N VAL E 78 11.02 -43.04 -13.17
CA VAL E 78 10.40 -41.79 -12.76
C VAL E 78 11.46 -40.95 -12.07
N HIS E 79 11.87 -39.86 -12.72
CA HIS E 79 12.82 -38.93 -12.12
C HIS E 79 12.06 -37.96 -11.21
N VAL E 80 12.58 -37.75 -10.01
CA VAL E 80 11.91 -36.96 -8.99
C VAL E 80 12.84 -35.83 -8.56
N THR E 81 12.31 -34.61 -8.51
CA THR E 81 13.03 -33.45 -8.00
C THR E 81 12.14 -32.73 -6.99
N VAL E 82 12.68 -32.44 -5.82
CA VAL E 82 11.92 -31.84 -4.74
C VAL E 82 12.76 -30.75 -4.07
N ASP E 83 12.11 -29.62 -3.78
CA ASP E 83 12.75 -28.57 -3.00
C ASP E 83 12.73 -28.96 -1.52
N THR E 84 13.89 -28.88 -0.88
CA THR E 84 13.98 -29.34 0.51
C THR E 84 13.27 -28.40 1.48
N TYR E 85 13.03 -27.16 1.10
CA TYR E 85 12.33 -26.21 1.97
C TYR E 85 10.82 -26.30 1.81
N SER E 86 10.32 -26.08 0.60
CA SER E 86 8.89 -25.96 0.37
C SER E 86 8.23 -27.29 0.03
N HIS E 87 9.01 -28.35 -0.16
CA HIS E 87 8.53 -29.67 -0.56
C HIS E 87 7.84 -29.63 -1.92
N PHE E 88 8.05 -28.56 -2.68
CA PHE E 88 7.55 -28.49 -4.05
C PHE E 88 8.23 -29.56 -4.89
N THR E 89 7.42 -30.39 -5.55
CA THR E 89 7.90 -31.60 -6.19
C THR E 89 7.58 -31.59 -7.68
N PHE E 90 8.57 -31.96 -8.49
CA PHE E 90 8.38 -32.16 -9.92
C PHE E 90 8.88 -33.54 -10.30
N ALA E 91 8.18 -34.17 -11.23
CA ALA E 91 8.52 -35.54 -11.62
C ALA E 91 8.19 -35.76 -13.09
N THR E 92 8.95 -36.65 -13.72
CA THR E 92 8.73 -37.06 -15.10
C THR E 92 8.96 -38.57 -15.21
N ALA E 93 8.24 -39.18 -16.15
CA ALA E 93 8.38 -40.60 -16.46
C ALA E 93 9.13 -40.73 -17.78
N ARG E 94 10.27 -41.43 -17.76
CA ARG E 94 11.13 -41.57 -18.91
C ARG E 94 11.49 -43.03 -19.14
N THR E 95 12.10 -43.29 -20.29
CA THR E 95 12.45 -44.65 -20.67
C THR E 95 13.69 -45.18 -19.96
N GLY E 96 14.46 -44.33 -19.30
CA GLY E 96 15.66 -44.79 -18.63
C GLY E 96 16.17 -43.76 -17.64
N GLU E 97 17.32 -44.08 -17.05
CA GLU E 97 17.98 -43.21 -16.08
C GLU E 97 19.37 -42.81 -16.55
N ALA E 98 19.58 -42.79 -17.87
CA ALA E 98 20.89 -42.47 -18.43
C ALA E 98 21.14 -40.96 -18.34
N THR E 99 22.23 -40.50 -18.95
CA THR E 99 22.58 -39.09 -18.89
C THR E 99 21.63 -38.25 -19.74
N LYS E 100 21.16 -38.79 -20.86
CA LYS E 100 20.22 -38.05 -21.71
C LYS E 100 18.91 -37.77 -20.97
N ASP E 101 18.46 -38.73 -20.16
CA ASP E 101 17.21 -38.56 -19.43
C ASP E 101 17.34 -37.52 -18.34
N VAL E 102 18.45 -37.53 -17.61
CA VAL E 102 18.64 -36.60 -16.50
C VAL E 102 18.70 -35.16 -17.00
N LEU E 103 19.40 -34.93 -18.11
CA LEU E 103 19.54 -33.58 -18.65
C LEU E 103 18.18 -32.99 -19.02
N GLN E 104 17.32 -33.79 -19.63
CA GLN E 104 15.99 -33.30 -20.01
C GLN E 104 15.13 -33.09 -18.77
N HIS E 105 15.20 -34.00 -17.80
CA HIS E 105 14.47 -33.81 -16.55
C HIS E 105 14.94 -32.56 -15.83
N LEU E 106 16.24 -32.25 -15.91
CA LEU E 106 16.74 -31.05 -15.27
C LEU E 106 16.18 -29.80 -15.91
N ALA E 107 16.13 -29.76 -17.25
CA ALA E 107 15.51 -28.64 -17.94
C ALA E 107 14.04 -28.50 -17.58
N GLN E 108 13.32 -29.63 -17.52
CA GLN E 108 11.90 -29.57 -17.16
C GLN E 108 11.72 -29.12 -15.72
N SER E 109 12.61 -29.56 -14.82
CA SER E 109 12.57 -29.10 -13.44
C SER E 109 12.70 -27.58 -13.35
N PHE E 110 13.59 -27.01 -14.16
CA PHE E 110 13.86 -25.57 -14.07
C PHE E 110 12.67 -24.75 -14.53
N ALA E 111 12.02 -25.16 -15.63
CA ALA E 111 10.80 -24.49 -16.07
C ALA E 111 9.70 -24.64 -15.03
N TYR E 112 9.66 -25.77 -14.33
CA TYR E 112 8.61 -26.05 -13.38
C TYR E 112 8.85 -25.37 -12.04
N MET E 113 10.11 -25.31 -11.60
CA MET E 113 10.43 -24.90 -10.23
C MET E 113 11.42 -23.75 -10.12
N GLY E 114 12.07 -23.36 -11.20
CA GLY E 114 13.11 -22.35 -11.13
C GLY E 114 14.50 -22.94 -11.05
N ILE E 115 15.44 -22.10 -10.64
CA ILE E 115 16.85 -22.50 -10.51
C ILE E 115 17.17 -22.63 -9.03
N PRO E 116 17.75 -23.75 -8.60
CA PRO E 116 18.28 -23.85 -7.24
C PRO E 116 19.76 -23.46 -7.21
N GLN E 117 20.25 -23.22 -6.00
CA GLN E 117 21.69 -23.02 -5.84
C GLN E 117 22.43 -24.34 -5.79
N LYS E 118 21.85 -25.34 -5.13
CA LYS E 118 22.49 -26.64 -4.97
C LYS E 118 21.47 -27.74 -5.20
N ILE E 119 21.96 -28.88 -5.70
CA ILE E 119 21.14 -30.06 -5.92
C ILE E 119 21.88 -31.25 -5.33
N LYS E 120 21.17 -32.08 -4.57
CA LYS E 120 21.75 -33.27 -3.94
C LYS E 120 21.19 -34.53 -4.61
N THR E 121 22.08 -35.35 -5.13
CA THR E 121 21.74 -36.65 -5.70
C THR E 121 22.55 -37.74 -5.02
N ASP E 122 22.22 -39.00 -5.33
CA ASP E 122 23.05 -40.11 -4.90
C ASP E 122 24.28 -40.22 -5.78
N ASN E 123 24.95 -41.37 -5.76
CA ASN E 123 26.17 -41.59 -6.52
C ASN E 123 25.93 -42.36 -7.81
N ALA E 124 24.74 -42.19 -8.41
CA ALA E 124 24.42 -42.89 -9.65
C ALA E 124 25.39 -42.48 -10.75
N PRO E 125 25.73 -43.40 -11.66
CA PRO E 125 26.64 -43.06 -12.76
C PRO E 125 26.21 -41.85 -13.58
N ALA E 126 24.93 -41.77 -13.93
CA ALA E 126 24.44 -40.67 -14.74
C ALA E 126 24.68 -39.32 -14.06
N TYR E 127 24.36 -39.23 -12.77
CA TYR E 127 24.46 -37.96 -12.06
C TYR E 127 25.91 -37.48 -11.99
N VAL E 128 26.86 -38.39 -11.78
CA VAL E 128 28.27 -38.01 -11.65
C VAL E 128 28.97 -37.89 -12.99
N SER E 129 28.26 -38.07 -14.10
CA SER E 129 28.88 -38.00 -15.41
C SER E 129 29.35 -36.57 -15.71
N ARG E 130 30.19 -36.46 -16.74
CA ARG E 130 30.76 -35.16 -17.09
C ARG E 130 29.73 -34.25 -17.75
N SER E 131 28.77 -34.82 -18.48
CA SER E 131 27.72 -34.01 -19.08
C SER E 131 26.91 -33.30 -18.02
N ILE E 132 26.56 -34.00 -16.94
CA ILE E 132 25.80 -33.38 -15.86
C ILE E 132 26.66 -32.35 -15.13
N GLN E 133 27.93 -32.70 -14.84
CA GLN E 133 28.82 -31.77 -14.17
C GLN E 133 28.98 -30.48 -14.96
N GLU E 134 29.26 -30.59 -16.26
CA GLU E 134 29.47 -29.42 -17.09
C GLU E 134 28.16 -28.69 -17.42
N PHE E 135 27.02 -29.39 -17.38
CA PHE E 135 25.74 -28.71 -17.55
C PHE E 135 25.45 -27.79 -16.37
N LEU E 136 25.56 -28.32 -15.15
CA LEU E 136 25.33 -27.50 -13.97
C LEU E 136 26.36 -26.38 -13.85
N ALA E 137 27.55 -26.57 -14.44
CA ALA E 137 28.58 -25.53 -14.40
C ALA E 137 28.14 -24.31 -15.19
N ARG E 138 27.64 -24.52 -16.42
CA ARG E 138 27.13 -23.39 -17.21
C ARG E 138 25.94 -22.73 -16.53
N TRP E 139 25.08 -23.53 -15.89
CA TRP E 139 23.89 -23.02 -15.22
C TRP E 139 24.19 -22.36 -13.88
N LYS E 140 25.45 -22.31 -13.47
CA LYS E 140 25.86 -21.76 -12.18
C LYS E 140 25.11 -22.43 -11.02
N ILE E 141 25.00 -23.75 -11.08
CA ILE E 141 24.31 -24.54 -10.08
C ILE E 141 25.30 -25.53 -9.48
N SER E 142 25.35 -25.59 -8.15
CA SER E 142 26.27 -26.47 -7.45
C SER E 142 25.66 -27.84 -7.25
N HIS E 143 26.53 -28.83 -7.06
CA HIS E 143 26.12 -30.22 -6.89
C HIS E 143 26.88 -30.82 -5.71
N VAL E 144 26.19 -31.63 -4.90
CA VAL E 144 26.75 -32.18 -3.68
C VAL E 144 26.41 -33.67 -3.57
N THR E 145 27.21 -34.38 -2.79
CA THR E 145 26.96 -35.77 -2.43
C THR E 145 27.28 -35.95 -0.95
N GLY E 146 26.47 -36.74 -0.26
CA GLY E 146 26.64 -36.91 1.17
C GLY E 146 26.95 -38.33 1.59
N ILE E 147 28.19 -38.57 2.01
CA ILE E 147 28.61 -39.88 2.48
C ILE E 147 28.07 -40.13 3.89
N GLN E 154 19.06 -38.24 2.45
CA GLN E 154 18.34 -38.63 1.24
C GLN E 154 16.93 -39.10 1.58
N ALA E 155 16.48 -38.77 2.80
CA ALA E 155 15.17 -39.20 3.27
C ALA E 155 14.03 -38.32 2.76
N ILE E 156 14.33 -37.06 2.41
CA ILE E 156 13.27 -36.16 1.95
C ILE E 156 12.76 -36.59 0.59
N VAL E 157 13.67 -36.84 -0.36
CA VAL E 157 13.26 -37.29 -1.68
C VAL E 157 12.76 -38.73 -1.63
N GLU E 158 13.25 -39.52 -0.68
CA GLU E 158 12.74 -40.88 -0.52
C GLU E 158 11.29 -40.85 -0.05
N ARG E 159 10.97 -39.95 0.87
CA ARG E 159 9.57 -39.76 1.27
C ARG E 159 8.74 -39.25 0.10
N THR E 160 9.34 -38.41 -0.75
CA THR E 160 8.64 -37.93 -1.93
C THR E 160 8.25 -39.09 -2.85
N HIS E 161 9.14 -40.07 -3.00
CA HIS E 161 8.78 -41.29 -3.74
C HIS E 161 7.52 -41.92 -3.17
N GLN E 162 7.46 -42.06 -1.85
CA GLN E 162 6.27 -42.63 -1.21
C GLN E 162 5.04 -41.77 -1.47
N ASN E 163 5.18 -40.45 -1.34
CA ASN E 163 4.03 -39.57 -1.54
C ASN E 163 3.54 -39.61 -2.98
N ILE E 164 4.46 -39.70 -3.94
CA ILE E 164 4.07 -39.77 -5.35
C ILE E 164 3.37 -41.10 -5.64
N LYS E 165 3.99 -42.21 -5.25
CA LYS E 165 3.40 -43.52 -5.48
C LYS E 165 2.05 -43.66 -4.80
N ALA E 166 1.90 -43.06 -3.62
CA ALA E 166 0.63 -43.12 -2.91
C ALA E 166 -0.47 -42.42 -3.71
N GLN E 167 -0.19 -41.22 -4.20
CA GLN E 167 -1.19 -40.47 -4.96
C GLN E 167 -1.51 -41.17 -6.29
N LEU E 168 -0.49 -41.77 -6.91
CA LEU E 168 -0.72 -42.49 -8.17
C LEU E 168 -1.73 -43.62 -7.98
N ASN E 169 -1.58 -44.39 -6.90
CA ASN E 169 -2.50 -45.50 -6.65
C ASN E 169 -3.94 -45.03 -6.50
N LYS E 170 -4.15 -43.92 -5.79
CA LYS E 170 -5.50 -43.44 -5.54
C LYS E 170 -6.21 -43.02 -6.82
N LEU E 171 -5.46 -42.56 -7.82
CA LEU E 171 -6.06 -41.93 -8.99
C LEU E 171 -6.62 -42.94 -9.99
N GLN E 172 -6.13 -44.17 -10.00
CA GLN E 172 -6.64 -45.18 -10.91
C GLN E 172 -8.14 -45.42 -10.70
N LYS E 173 -8.54 -45.63 -9.45
CA LYS E 173 -9.93 -45.98 -9.15
C LYS E 173 -10.89 -44.84 -9.47
N ALA E 174 -10.40 -43.62 -9.65
CA ALA E 174 -11.27 -42.53 -10.06
C ALA E 174 -11.68 -42.67 -11.52
N GLY E 175 -10.72 -42.99 -12.39
CA GLY E 175 -11.02 -43.15 -13.80
C GLY E 175 -9.77 -43.58 -14.54
N LYS E 176 -9.96 -43.82 -15.84
CA LYS E 176 -8.87 -44.24 -16.70
C LYS E 176 -8.13 -43.03 -17.26
N TYR E 177 -6.82 -43.19 -17.43
CA TYR E 177 -5.95 -42.18 -18.00
C TYR E 177 -5.40 -42.64 -19.33
N TYR E 178 -4.75 -41.71 -20.05
CA TYR E 178 -4.23 -41.99 -21.38
C TYR E 178 -2.83 -42.60 -21.32
N THR E 179 -1.90 -41.89 -20.70
CA THR E 179 -0.51 -42.30 -20.56
C THR E 179 -0.06 -42.06 -19.14
N PRO E 180 1.08 -42.65 -18.76
CA PRO E 180 1.68 -42.29 -17.46
C PRO E 180 1.94 -40.80 -17.31
N HIS E 181 2.19 -40.09 -18.40
CA HIS E 181 2.33 -38.64 -18.33
C HIS E 181 1.05 -38.00 -17.81
N HIS E 182 -0.10 -38.44 -18.35
CA HIS E 182 -1.38 -37.93 -17.87
C HIS E 182 -1.56 -38.20 -16.38
N LEU E 183 -1.35 -39.45 -15.96
CA LEU E 183 -1.48 -39.80 -14.55
C LEU E 183 -0.55 -38.98 -13.67
N LEU E 184 0.71 -38.84 -14.09
CA LEU E 184 1.70 -38.15 -13.26
C LEU E 184 1.37 -36.66 -13.15
N ALA E 185 0.95 -36.03 -14.25
CA ALA E 185 0.54 -34.63 -14.21
C ALA E 185 -0.54 -34.40 -13.16
N HIS E 186 -1.54 -35.28 -13.13
CA HIS E 186 -2.62 -35.14 -12.15
C HIS E 186 -2.08 -35.30 -10.72
N ALA E 187 -1.25 -36.31 -10.50
CA ALA E 187 -0.65 -36.52 -9.18
C ALA E 187 0.12 -35.30 -8.72
N LEU E 188 0.95 -34.73 -9.60
CA LEU E 188 1.74 -33.56 -9.24
C LEU E 188 0.84 -32.37 -8.90
N PHE E 189 -0.23 -32.19 -9.67
CA PHE E 189 -1.19 -31.12 -9.40
C PHE E 189 -1.75 -31.22 -7.99
N VAL E 190 -2.11 -32.43 -7.55
CA VAL E 190 -2.72 -32.59 -6.24
C VAL E 190 -1.70 -32.33 -5.14
N LEU E 191 -0.53 -32.95 -5.25
CA LEU E 191 0.49 -32.81 -4.20
C LEU E 191 0.94 -31.36 -4.07
N ASN E 192 1.07 -30.63 -5.18
CA ASN E 192 1.65 -29.30 -5.15
C ASN E 192 0.61 -28.20 -5.02
N HIS E 193 -0.55 -28.34 -5.67
CA HIS E 193 -1.51 -27.24 -5.78
C HIS E 193 -2.81 -27.50 -5.04
N VAL E 194 -2.98 -28.66 -4.41
CA VAL E 194 -4.23 -28.97 -3.73
C VAL E 194 -3.96 -29.31 -2.27
N ASN E 195 -3.14 -30.33 -2.03
CA ASN E 195 -2.79 -30.70 -0.66
C ASN E 195 -2.14 -29.52 0.06
N MET E 196 -2.50 -29.34 1.33
CA MET E 196 -2.03 -28.20 2.11
C MET E 196 -1.61 -28.66 3.49
N ASP E 197 -0.88 -27.78 4.18
CA ASP E 197 -0.40 -28.05 5.52
C ASP E 197 -1.45 -27.63 6.54
N ASN E 198 -1.07 -27.61 7.83
CA ASN E 198 -2.02 -27.31 8.88
C ASN E 198 -2.50 -25.85 8.83
N GLN E 199 -1.66 -24.94 8.37
CA GLN E 199 -2.02 -23.54 8.27
C GLN E 199 -2.60 -23.17 6.91
N GLY E 200 -2.81 -24.15 6.04
CA GLY E 200 -3.58 -23.91 4.83
C GLY E 200 -2.80 -23.42 3.64
N HIS E 201 -1.54 -23.84 3.48
CA HIS E 201 -0.72 -23.43 2.35
C HIS E 201 -0.32 -24.64 1.53
N THR E 202 -0.30 -24.47 0.22
CA THR E 202 0.14 -25.51 -0.70
C THR E 202 1.65 -25.43 -0.87
N ALA E 203 2.21 -26.48 -1.49
CA ALA E 203 3.64 -26.46 -1.79
C ALA E 203 3.98 -25.37 -2.79
N ALA E 204 3.07 -25.06 -3.71
CA ALA E 204 3.29 -23.97 -4.64
C ALA E 204 3.33 -22.62 -3.93
N GLU E 205 2.39 -22.39 -3.00
CA GLU E 205 2.38 -21.13 -2.28
C GLU E 205 3.60 -20.97 -1.40
N ARG E 206 4.08 -22.06 -0.79
CA ARG E 206 5.30 -21.99 0.00
C ARG E 206 6.53 -21.81 -0.87
N HIS E 207 6.50 -22.34 -2.09
CA HIS E 207 7.66 -22.21 -2.98
C HIS E 207 7.78 -20.80 -3.55
N TRP E 208 6.66 -20.07 -3.67
CA TRP E 208 6.63 -18.74 -4.25
C TRP E 208 5.96 -17.76 -3.28
N GLY E 209 6.50 -17.67 -2.07
CA GLY E 209 5.93 -16.79 -1.07
C GLY E 209 6.78 -16.66 0.19
N LEU F 56 -8.36 -10.31 -13.66
CA LEU F 56 -8.08 -9.26 -12.69
C LEU F 56 -7.12 -9.75 -11.62
N LYS F 57 -7.05 -11.08 -11.46
CA LYS F 57 -6.12 -11.72 -10.54
C LYS F 57 -5.79 -13.08 -11.11
N PRO F 58 -4.72 -13.74 -10.63
CA PRO F 58 -4.25 -14.95 -11.29
C PRO F 58 -5.21 -16.12 -11.15
N ARG F 59 -5.09 -17.06 -12.10
CA ARG F 59 -5.87 -18.30 -12.13
C ARG F 59 -7.37 -18.04 -12.22
N VAL F 60 -7.76 -16.96 -12.87
CA VAL F 60 -9.17 -16.68 -13.14
C VAL F 60 -9.53 -17.01 -14.59
N LEU F 61 -8.76 -16.49 -15.54
CA LEU F 61 -9.04 -16.67 -16.96
C LEU F 61 -7.76 -17.07 -17.67
N TRP F 62 -7.79 -18.21 -18.35
CA TRP F 62 -6.69 -18.67 -19.18
C TRP F 62 -7.07 -18.61 -20.65
N GLN F 63 -6.05 -18.66 -21.50
CA GLN F 63 -6.23 -18.82 -22.94
C GLN F 63 -5.39 -20.00 -23.41
N MET F 64 -5.93 -20.74 -24.38
CA MET F 64 -5.27 -21.93 -24.89
C MET F 64 -5.47 -22.00 -26.41
N ASP F 65 -4.38 -22.23 -27.13
CA ASP F 65 -4.43 -22.39 -28.57
C ASP F 65 -3.15 -23.07 -29.04
N VAL F 66 -3.25 -23.80 -30.13
CA VAL F 66 -2.12 -24.51 -30.70
C VAL F 66 -1.44 -23.62 -31.72
N THR F 67 -0.11 -23.68 -31.77
CA THR F 67 0.65 -22.98 -32.80
C THR F 67 1.63 -23.91 -33.50
N VAL F 78 2.45 -27.35 -31.21
CA VAL F 78 2.79 -26.80 -29.91
C VAL F 78 1.55 -26.22 -29.23
N HIS F 79 1.10 -26.88 -28.18
CA HIS F 79 -0.04 -26.39 -27.40
C HIS F 79 0.45 -25.35 -26.41
N VAL F 80 -0.25 -24.22 -26.34
CA VAL F 80 0.15 -23.08 -25.53
C VAL F 80 -0.98 -22.72 -24.58
N THR F 81 -0.65 -22.54 -23.30
CA THR F 81 -1.60 -22.08 -22.29
C THR F 81 -0.96 -20.92 -21.53
N VAL F 82 -1.70 -19.82 -21.41
CA VAL F 82 -1.19 -18.61 -20.77
C VAL F 82 -2.26 -18.02 -19.87
N ASP F 83 -1.85 -17.58 -18.68
CA ASP F 83 -2.74 -16.86 -17.77
C ASP F 83 -2.89 -15.42 -18.25
N THR F 84 -4.14 -14.95 -18.37
CA THR F 84 -4.37 -13.63 -18.91
C THR F 84 -3.97 -12.51 -17.95
N TYR F 85 -3.85 -12.81 -16.65
CA TYR F 85 -3.44 -11.79 -15.68
C TYR F 85 -1.92 -11.70 -15.57
N SER F 86 -1.28 -12.81 -15.20
CA SER F 86 0.14 -12.82 -14.87
C SER F 86 1.03 -13.13 -16.07
N HIS F 87 0.46 -13.49 -17.22
CA HIS F 87 1.19 -13.90 -18.41
C HIS F 87 2.05 -15.14 -18.17
N PHE F 88 1.77 -15.88 -17.09
CA PHE F 88 2.43 -17.15 -16.86
C PHE F 88 2.06 -18.13 -17.97
N THR F 89 3.08 -18.71 -18.61
CA THR F 89 2.89 -19.45 -19.84
C THR F 89 3.39 -20.89 -19.68
N PHE F 90 2.60 -21.84 -20.15
CA PHE F 90 2.99 -23.24 -20.22
C PHE F 90 2.77 -23.74 -21.63
N ALA F 91 3.65 -24.62 -22.10
CA ALA F 91 3.58 -25.13 -23.46
C ALA F 91 4.13 -26.54 -23.51
N THR F 92 3.59 -27.33 -24.44
CA THR F 92 4.08 -28.69 -24.68
C THR F 92 4.31 -28.92 -26.17
N ASP F 101 -4.61 -35.45 -27.25
CA ASP F 101 -3.48 -34.54 -27.08
C ASP F 101 -3.87 -33.36 -26.19
N VAL F 102 -5.06 -32.81 -26.44
CA VAL F 102 -5.52 -31.65 -25.68
C VAL F 102 -5.70 -32.01 -24.21
N LEU F 103 -6.27 -33.19 -23.94
CA LEU F 103 -6.50 -33.61 -22.57
C LEU F 103 -5.19 -33.74 -21.79
N GLN F 104 -4.15 -34.28 -22.44
CA GLN F 104 -2.87 -34.44 -21.76
C GLN F 104 -2.20 -33.09 -21.52
N HIS F 105 -2.26 -32.18 -22.49
CA HIS F 105 -1.74 -30.84 -22.28
C HIS F 105 -2.49 -30.13 -21.16
N LEU F 106 -3.79 -30.38 -21.04
CA LEU F 106 -4.57 -29.76 -19.97
C LEU F 106 -4.13 -30.26 -18.59
N ALA F 107 -3.91 -31.57 -18.46
CA ALA F 107 -3.40 -32.10 -17.21
C ALA F 107 -2.03 -31.53 -16.87
N GLN F 108 -1.15 -31.43 -17.87
CA GLN F 108 0.17 -30.86 -17.62
C GLN F 108 0.09 -29.39 -17.25
N SER F 109 -0.82 -28.65 -17.90
CA SER F 109 -1.04 -27.25 -17.53
C SER F 109 -1.42 -27.10 -16.06
N PHE F 110 -2.27 -28.01 -15.56
CA PHE F 110 -2.75 -27.88 -14.19
C PHE F 110 -1.64 -28.10 -13.17
N ALA F 111 -0.79 -29.11 -13.41
CA ALA F 111 0.36 -29.31 -12.54
C ALA F 111 1.33 -28.14 -12.62
N TYR F 112 1.43 -27.50 -13.78
CA TYR F 112 2.39 -26.42 -13.97
C TYR F 112 1.86 -25.09 -13.43
N MET F 113 0.56 -24.83 -13.57
CA MET F 113 0.02 -23.50 -13.30
C MET F 113 -1.13 -23.47 -12.30
N GLY F 114 -1.70 -24.62 -11.94
CA GLY F 114 -2.87 -24.66 -11.09
C GLY F 114 -4.16 -24.79 -11.89
N ILE F 115 -5.27 -24.48 -11.23
CA ILE F 115 -6.60 -24.55 -11.81
C ILE F 115 -7.08 -23.14 -12.09
N PRO F 116 -7.54 -22.84 -13.30
CA PRO F 116 -8.22 -21.57 -13.56
C PRO F 116 -9.72 -21.71 -13.37
N GLN F 117 -10.39 -20.55 -13.30
CA GLN F 117 -11.85 -20.56 -13.28
C GLN F 117 -12.43 -20.72 -14.68
N LYS F 118 -11.83 -20.07 -15.66
CA LYS F 118 -12.33 -20.10 -17.04
C LYS F 118 -11.16 -20.27 -18.00
N ILE F 119 -11.44 -20.90 -19.15
CA ILE F 119 -10.47 -21.08 -20.21
C ILE F 119 -11.12 -20.65 -21.53
N LYS F 120 -10.41 -19.85 -22.31
CA LYS F 120 -10.89 -19.37 -23.60
C LYS F 120 -10.08 -20.01 -24.71
N THR F 121 -10.75 -20.72 -25.61
CA THR F 121 -10.15 -21.30 -26.79
C THR F 121 -10.88 -20.81 -28.04
N ASP F 122 -10.32 -21.12 -29.20
CA ASP F 122 -11.01 -20.89 -30.46
C ASP F 122 -12.06 -21.97 -30.69
N ASN F 123 -12.53 -22.09 -31.94
CA ASN F 123 -13.57 -23.06 -32.29
C ASN F 123 -12.99 -24.32 -32.91
N ALA F 124 -11.78 -24.71 -32.51
CA ALA F 124 -11.15 -25.90 -33.05
C ALA F 124 -11.99 -27.14 -32.72
N PRO F 125 -12.01 -28.13 -33.61
CA PRO F 125 -12.78 -29.36 -33.35
C PRO F 125 -12.45 -30.02 -32.02
N ALA F 126 -11.16 -30.15 -31.70
CA ALA F 126 -10.76 -30.81 -30.46
C ALA F 126 -11.34 -30.10 -29.23
N TYR F 127 -11.25 -28.76 -29.20
CA TYR F 127 -11.67 -28.02 -28.03
C TYR F 127 -13.17 -28.16 -27.79
N VAL F 128 -13.97 -28.16 -28.87
CA VAL F 128 -15.42 -28.24 -28.73
C VAL F 128 -15.92 -29.68 -28.62
N SER F 129 -15.02 -30.65 -28.59
CA SER F 129 -15.42 -32.05 -28.52
C SER F 129 -16.09 -32.36 -27.18
N ARG F 130 -16.77 -33.50 -27.12
CA ARG F 130 -17.47 -33.89 -25.91
C ARG F 130 -16.51 -34.35 -24.81
N SER F 131 -15.39 -34.94 -25.19
CA SER F 131 -14.40 -35.35 -24.20
C SER F 131 -13.86 -34.14 -23.43
N ILE F 132 -13.58 -33.05 -24.14
CA ILE F 132 -13.10 -31.84 -23.48
C ILE F 132 -14.20 -31.22 -22.63
N GLN F 133 -15.41 -31.16 -23.18
CA GLN F 133 -16.55 -30.60 -22.44
C GLN F 133 -16.79 -31.36 -21.15
N GLU F 134 -16.83 -32.68 -21.21
CA GLU F 134 -17.10 -33.47 -20.01
C GLU F 134 -15.90 -33.53 -19.07
N PHE F 135 -14.68 -33.35 -19.58
CA PHE F 135 -13.51 -33.27 -18.71
C PHE F 135 -13.54 -32.00 -17.86
N LEU F 136 -13.73 -30.85 -18.51
CA LEU F 136 -13.80 -29.59 -17.77
C LEU F 136 -14.98 -29.54 -16.83
N ALA F 137 -16.04 -30.29 -17.13
CA ALA F 137 -17.21 -30.32 -16.25
C ALA F 137 -16.85 -30.96 -14.91
N ARG F 138 -16.19 -32.11 -14.94
CA ARG F 138 -15.73 -32.78 -13.73
C ARG F 138 -14.78 -31.90 -12.94
N VAL F 157 -3.01 -14.77 -26.32
CA VAL F 157 -2.33 -16.03 -26.53
C VAL F 157 -1.56 -16.01 -27.85
N GLU F 158 -2.04 -15.19 -28.79
CA GLU F 158 -1.33 -15.02 -30.05
C GLU F 158 0.01 -14.35 -29.84
N ARG F 159 0.06 -13.34 -28.96
CA ARG F 159 1.34 -12.73 -28.61
C ARG F 159 2.25 -13.73 -27.91
N THR F 160 1.67 -14.62 -27.10
CA THR F 160 2.46 -15.66 -26.44
C THR F 160 3.13 -16.56 -27.46
N HIS F 161 2.43 -16.91 -28.55
CA HIS F 161 3.05 -17.65 -29.63
C HIS F 161 4.30 -16.93 -30.14
N GLN F 162 4.20 -15.62 -30.37
CA GLN F 162 5.35 -14.84 -30.81
C GLN F 162 6.46 -14.88 -29.77
N ASN F 163 6.12 -14.70 -28.50
CA ASN F 163 7.14 -14.68 -27.45
C ASN F 163 7.82 -16.04 -27.32
N ILE F 164 7.05 -17.12 -27.47
CA ILE F 164 7.64 -18.46 -27.40
C ILE F 164 8.55 -18.71 -28.59
N LYS F 165 8.07 -18.45 -29.80
CA LYS F 165 8.88 -18.66 -31.00
C LYS F 165 10.12 -17.79 -30.99
N ALA F 166 10.02 -16.57 -30.43
CA ALA F 166 11.18 -15.69 -30.35
C ALA F 166 12.25 -16.29 -29.47
N GLN F 167 11.87 -16.76 -28.27
CA GLN F 167 12.84 -17.34 -27.35
C GLN F 167 13.43 -18.63 -27.91
N LEU F 168 12.62 -19.44 -28.60
CA LEU F 168 13.14 -20.67 -29.19
C LEU F 168 14.26 -20.39 -30.18
N ASN F 169 14.09 -19.39 -31.04
CA ASN F 169 15.12 -19.07 -32.03
C ASN F 169 16.43 -18.67 -31.37
N LYS F 170 16.36 -17.87 -30.30
CA LYS F 170 17.58 -17.38 -29.66
C LYS F 170 18.40 -18.50 -29.04
N LEU F 171 17.75 -19.58 -28.60
CA LEU F 171 18.42 -20.58 -27.78
C LEU F 171 19.29 -21.55 -28.60
N GLN F 172 19.00 -21.73 -29.88
CA GLN F 172 19.82 -22.61 -30.71
C GLN F 172 21.27 -22.13 -30.76
N LYS F 173 21.47 -20.86 -31.08
CA LYS F 173 22.81 -20.30 -31.27
C LYS F 173 23.57 -20.27 -29.96
N LYS F 176 23.32 -26.50 -28.41
CA LYS F 176 22.51 -27.59 -28.97
C LYS F 176 21.68 -28.25 -27.88
N TYR F 177 20.48 -28.70 -28.26
CA TYR F 177 19.58 -29.39 -27.36
C TYR F 177 19.36 -30.82 -27.84
N TYR F 178 18.70 -31.61 -26.99
CA TYR F 178 18.48 -33.02 -27.29
C TYR F 178 17.21 -33.23 -28.10
N THR F 179 16.08 -32.76 -27.59
CA THR F 179 14.78 -32.89 -28.23
C THR F 179 14.06 -31.56 -28.20
N PRO F 180 12.98 -31.40 -28.99
CA PRO F 180 12.14 -30.21 -28.83
C PRO F 180 11.62 -30.00 -27.42
N HIS F 181 11.43 -31.08 -26.65
CA HIS F 181 11.06 -30.95 -25.25
C HIS F 181 12.14 -30.21 -24.48
N HIS F 182 13.40 -30.56 -24.70
CA HIS F 182 14.51 -29.88 -24.05
C HIS F 182 14.51 -28.39 -24.37
N LEU F 183 14.41 -28.05 -25.66
CA LEU F 183 14.40 -26.65 -26.08
C LEU F 183 13.25 -25.88 -25.45
N LEU F 184 12.05 -26.48 -25.45
CA LEU F 184 10.88 -25.77 -24.96
C LEU F 184 10.95 -25.52 -23.47
N ALA F 185 11.42 -26.51 -22.70
CA ALA F 185 11.62 -26.32 -21.27
C ALA F 185 12.51 -25.12 -20.98
N HIS F 186 13.61 -24.99 -21.72
CA HIS F 186 14.51 -23.86 -21.53
C HIS F 186 13.81 -22.55 -21.87
N ALA F 187 13.10 -22.51 -22.99
CA ALA F 187 12.34 -21.32 -23.36
C ALA F 187 11.33 -20.95 -22.28
N LEU F 188 10.58 -21.94 -21.80
CA LEU F 188 9.58 -21.67 -20.76
C LEU F 188 10.24 -21.18 -19.48
N PHE F 189 11.38 -21.79 -19.11
CA PHE F 189 12.11 -21.34 -17.93
C PHE F 189 12.48 -19.86 -18.02
N VAL F 190 12.96 -19.42 -19.18
CA VAL F 190 13.40 -18.03 -19.33
C VAL F 190 12.19 -17.09 -19.27
N LEU F 191 11.15 -17.39 -20.05
CA LEU F 191 9.98 -16.53 -20.10
C LEU F 191 9.31 -16.39 -18.73
N ASN F 192 9.26 -17.48 -17.97
CA ASN F 192 8.50 -17.49 -16.72
C ASN F 192 9.34 -17.15 -15.49
N HIS F 193 10.59 -17.62 -15.44
CA HIS F 193 11.40 -17.53 -14.24
C HIS F 193 12.59 -16.60 -14.36
N VAL F 194 12.83 -16.00 -15.53
CA VAL F 194 14.00 -15.14 -15.71
C VAL F 194 13.59 -13.75 -16.17
N ASN F 195 12.90 -13.67 -17.30
CA ASN F 195 12.43 -12.38 -17.81
C ASN F 195 11.54 -11.71 -16.78
N MET F 196 11.69 -10.39 -16.67
CA MET F 196 10.98 -9.59 -15.67
C MET F 196 10.42 -8.34 -16.30
N ASP F 197 9.49 -7.71 -15.58
CA ASP F 197 8.84 -6.50 -16.03
C ASP F 197 9.68 -5.29 -15.58
N ASN F 198 9.10 -4.09 -15.72
CA ASN F 198 9.85 -2.87 -15.40
C ASN F 198 10.15 -2.76 -13.91
N GLN F 199 9.28 -3.29 -13.05
CA GLN F 199 9.50 -3.27 -11.62
C GLN F 199 10.20 -4.52 -11.09
N GLY F 200 10.64 -5.40 -11.99
CA GLY F 200 11.53 -6.48 -11.59
C GLY F 200 10.86 -7.75 -11.12
N HIS F 201 9.70 -8.11 -11.65
CA HIS F 201 9.01 -9.32 -11.26
C HIS F 201 8.86 -10.25 -12.45
N THR F 202 9.01 -11.55 -12.20
CA THR F 202 8.84 -12.57 -13.22
C THR F 202 7.37 -12.98 -13.32
N ALA F 203 7.06 -13.72 -14.38
CA ALA F 203 5.70 -14.23 -14.55
C ALA F 203 5.34 -15.22 -13.44
N ALA F 204 6.31 -15.97 -12.95
CA ALA F 204 6.06 -16.88 -11.83
C ALA F 204 5.72 -16.10 -10.56
N GLU F 205 6.46 -15.03 -10.28
CA GLU F 205 6.19 -14.24 -9.09
C GLU F 205 4.84 -13.56 -9.18
N ARG F 206 4.45 -13.11 -10.38
CA ARG F 206 3.13 -12.51 -10.56
C ARG F 206 2.03 -13.58 -10.50
N HIS F 207 2.33 -14.80 -10.91
CA HIS F 207 1.33 -15.86 -10.87
C HIS F 207 1.04 -16.34 -9.46
N TRP F 208 2.00 -16.19 -8.54
CA TRP F 208 1.83 -16.66 -7.18
C TRP F 208 2.11 -15.53 -6.19
N ALA G 1 5.46 22.38 -36.64
CA ALA G 1 5.41 22.04 -35.23
C ALA G 1 6.68 21.31 -34.80
N LEU G 2 7.11 20.35 -35.63
CA LEU G 2 8.33 19.59 -35.30
C LEU G 2 9.56 20.49 -35.32
N GLU G 3 9.57 21.52 -36.16
CA GLU G 3 10.69 22.45 -36.18
C GLU G 3 10.85 23.15 -34.84
N SER G 4 9.74 23.57 -34.23
CA SER G 4 9.80 24.21 -32.93
C SER G 4 9.99 23.21 -31.80
N ALA G 5 9.57 21.96 -32.00
CA ALA G 5 9.81 20.92 -31.01
C ALA G 5 11.29 20.59 -30.90
N GLN G 6 11.98 20.46 -32.05
CA GLN G 6 13.40 20.14 -32.06
C GLN G 6 14.21 21.19 -31.30
N GLU G 7 14.06 22.47 -31.68
CA GLU G 7 14.85 23.52 -31.06
C GLU G 7 14.45 23.78 -29.61
N SER G 8 13.23 23.40 -29.21
CA SER G 8 12.85 23.54 -27.81
C SER G 8 13.55 22.51 -26.95
N HIS G 9 13.66 21.27 -27.44
CA HIS G 9 14.43 20.27 -26.71
C HIS G 9 15.91 20.65 -26.63
N ALA G 10 16.42 21.33 -27.65
CA ALA G 10 17.81 21.80 -27.60
C ALA G 10 18.04 22.80 -26.48
N LEU G 11 16.98 23.49 -26.04
CA LEU G 11 17.06 24.46 -24.96
C LEU G 11 16.87 23.81 -23.59
N HIS G 12 15.80 23.02 -23.43
CA HIS G 12 15.43 22.48 -22.13
C HIS G 12 15.74 21.00 -21.97
N HIS G 13 15.83 20.24 -23.07
CA HIS G 13 16.07 18.80 -23.04
C HIS G 13 15.01 18.08 -22.21
N GLN G 14 13.76 18.45 -22.43
CA GLN G 14 12.64 17.77 -21.80
C GLN G 14 12.43 16.40 -22.42
N ASN G 15 11.58 15.60 -21.78
CA ASN G 15 11.33 14.24 -22.24
C ASN G 15 10.43 14.25 -23.46
N ALA G 16 10.24 13.06 -24.04
CA ALA G 16 9.45 12.94 -25.25
C ALA G 16 7.98 13.27 -25.00
N ALA G 17 7.47 12.96 -23.81
CA ALA G 17 6.07 13.26 -23.50
C ALA G 17 5.80 14.76 -23.56
N ALA G 18 6.75 15.57 -23.08
CA ALA G 18 6.58 17.02 -23.15
C ALA G 18 6.62 17.50 -24.59
N LEU G 19 7.52 16.95 -25.41
CA LEU G 19 7.58 17.33 -26.81
C LEU G 19 6.34 16.88 -27.57
N ARG G 20 5.76 15.74 -27.18
CA ARG G 20 4.65 15.18 -27.94
C ARG G 20 3.38 15.97 -27.76
N PHE G 21 3.04 16.32 -26.52
CA PHE G 21 1.79 17.00 -26.25
C PHE G 21 1.87 18.50 -26.55
N GLN G 22 2.99 19.13 -26.20
CA GLN G 22 3.10 20.58 -26.35
C GLN G 22 3.13 20.98 -27.82
N PHE G 23 3.83 20.21 -28.65
CA PHE G 23 4.01 20.55 -30.06
C PHE G 23 3.20 19.66 -30.99
N HIS G 24 2.50 18.65 -30.46
CA HIS G 24 1.60 17.79 -31.24
C HIS G 24 2.38 17.06 -32.33
N ILE G 25 3.19 16.09 -31.88
CA ILE G 25 3.98 15.26 -32.77
C ILE G 25 3.82 13.80 -32.35
N THR G 26 4.25 12.90 -33.22
CA THR G 26 4.15 11.47 -33.01
C THR G 26 5.04 11.04 -31.83
N ARG G 27 4.66 9.91 -31.20
CA ARG G 27 5.52 9.31 -30.19
C ARG G 27 6.90 9.00 -30.75
N GLU G 28 6.94 8.26 -31.87
CA GLU G 28 8.21 7.91 -32.49
C GLU G 28 8.96 9.16 -32.96
N GLN G 29 8.24 10.23 -33.28
CA GLN G 29 8.90 11.50 -33.59
C GLN G 29 9.57 12.09 -32.34
N ALA G 30 8.83 12.14 -31.22
CA ALA G 30 9.38 12.72 -30.00
C ALA G 30 10.49 11.85 -29.42
N ARG G 31 10.33 10.52 -29.49
CA ARG G 31 11.39 9.63 -29.02
C ARG G 31 12.64 9.76 -29.87
N GLU G 32 12.48 9.98 -31.17
CA GLU G 32 13.63 10.13 -32.06
C GLU G 32 14.46 11.35 -31.71
N ILE G 33 13.79 12.44 -31.29
CA ILE G 33 14.49 13.66 -30.95
C ILE G 33 15.40 13.42 -29.74
N VAL G 34 14.93 12.64 -28.76
CA VAL G 34 15.70 12.41 -27.55
C VAL G 34 16.93 11.57 -27.85
N LYS G 35 16.76 10.50 -28.63
CA LYS G 35 17.90 9.70 -29.06
C LYS G 35 18.86 10.53 -29.91
N LEU G 36 18.32 11.25 -30.90
CA LEU G 36 19.14 12.09 -31.75
C LEU G 36 19.85 13.20 -30.98
N CYS G 37 19.32 13.58 -29.82
CA CYS G 37 19.96 14.62 -29.02
C CYS G 37 21.22 14.07 -28.38
N PRO G 38 22.38 14.71 -28.57
CA PRO G 38 23.62 14.18 -28.01
C PRO G 38 23.70 14.25 -26.50
N ASN G 39 22.87 15.09 -25.86
CA ASN G 39 22.92 15.27 -24.41
C ASN G 39 21.94 14.36 -23.68
N CYS G 40 21.27 13.46 -24.38
CA CYS G 40 20.19 12.66 -23.81
C CYS G 40 20.40 11.19 -24.17
N PRO G 41 21.18 10.45 -23.37
CA PRO G 41 21.44 9.03 -23.62
C PRO G 41 20.40 8.13 -22.97
N LEU H 2 -10.54 28.10 17.48
CA LEU H 2 -10.12 29.47 17.71
C LEU H 2 -8.77 29.52 18.44
N GLU H 3 -8.54 28.54 19.31
CA GLU H 3 -7.27 28.48 20.03
C GLU H 3 -6.11 28.24 19.09
N SER H 4 -6.28 27.33 18.12
CA SER H 4 -5.24 27.07 17.15
C SER H 4 -5.17 28.16 16.08
N ALA H 5 -6.28 28.85 15.83
CA ALA H 5 -6.27 29.96 14.89
C ALA H 5 -5.47 31.14 15.42
N GLN H 6 -5.64 31.46 16.71
CA GLN H 6 -4.92 32.58 17.30
C GLN H 6 -3.41 32.40 17.19
N GLU H 7 -2.90 31.26 17.68
CA GLU H 7 -1.46 31.04 17.68
C GLU H 7 -0.92 30.81 16.27
N SER H 8 -1.77 30.42 15.32
CA SER H 8 -1.33 30.29 13.94
C SER H 8 -1.11 31.66 13.31
N HIS H 9 -2.00 32.61 13.61
CA HIS H 9 -1.79 33.98 13.17
C HIS H 9 -0.54 34.59 13.80
N ALA H 10 -0.24 34.20 15.05
CA ALA H 10 0.97 34.70 15.70
C ALA H 10 2.24 34.28 14.97
N LEU H 11 2.19 33.19 14.22
CA LEU H 11 3.34 32.70 13.46
C LEU H 11 3.41 33.32 12.06
N HIS H 12 2.32 33.26 11.31
CA HIS H 12 2.34 33.67 9.91
C HIS H 12 1.68 35.02 9.66
N HIS H 13 0.78 35.47 10.54
CA HIS H 13 0.05 36.74 10.37
C HIS H 13 -0.70 36.76 9.04
N GLN H 14 -1.40 35.67 8.75
CA GLN H 14 -2.24 35.59 7.57
C GLN H 14 -3.51 36.42 7.78
N ASN H 15 -4.24 36.63 6.69
CA ASN H 15 -5.46 37.43 6.73
C ASN H 15 -6.59 36.67 7.40
N ALA H 16 -7.70 37.37 7.63
CA ALA H 16 -8.83 36.77 8.34
C ALA H 16 -9.51 35.67 7.53
N ALA H 17 -9.49 35.79 6.20
CA ALA H 17 -10.13 34.77 5.36
C ALA H 17 -9.44 33.42 5.52
N ALA H 18 -8.12 33.42 5.65
CA ALA H 18 -7.41 32.17 5.88
C ALA H 18 -7.76 31.57 7.23
N LEU H 19 -7.84 32.40 8.27
CA LEU H 19 -8.19 31.91 9.60
C LEU H 19 -9.63 31.38 9.63
N ARG H 20 -10.52 32.00 8.86
CA ARG H 20 -11.93 31.61 8.91
C ARG H 20 -12.15 30.24 8.29
N PHE H 21 -11.58 29.99 7.11
CA PHE H 21 -11.82 28.73 6.42
C PHE H 21 -10.96 27.60 6.98
N GLN H 22 -9.70 27.88 7.30
CA GLN H 22 -8.79 26.82 7.72
C GLN H 22 -9.18 26.27 9.09
N PHE H 23 -9.58 27.14 10.01
CA PHE H 23 -9.88 26.73 11.38
C PHE H 23 -11.37 26.77 11.68
N HIS H 24 -12.21 27.23 10.75
CA HIS H 24 -13.67 27.21 10.88
C HIS H 24 -14.12 28.05 12.09
N ILE H 25 -13.99 29.36 11.91
CA ILE H 25 -14.40 30.33 12.92
C ILE H 25 -15.21 31.42 12.23
N THR H 26 -15.90 32.22 13.05
CA THR H 26 -16.75 33.29 12.54
C THR H 26 -15.89 34.37 11.87
N ARG H 27 -16.51 35.10 10.93
CA ARG H 27 -15.86 36.26 10.34
C ARG H 27 -15.45 37.27 11.40
N GLU H 28 -16.40 37.68 12.24
CA GLU H 28 -16.08 38.63 13.30
C GLU H 28 -15.06 38.06 14.28
N GLN H 29 -15.01 36.74 14.42
CA GLN H 29 -13.95 36.12 15.21
C GLN H 29 -12.60 36.28 14.53
N ALA H 30 -12.53 35.96 13.23
CA ALA H 30 -11.27 36.04 12.52
C ALA H 30 -10.82 37.49 12.34
N ARG H 31 -11.77 38.40 12.10
CA ARG H 31 -11.43 39.81 12.00
C ARG H 31 -10.90 40.36 13.32
N GLU H 32 -11.44 39.88 14.44
CA GLU H 32 -10.99 40.35 15.75
C GLU H 32 -9.54 39.96 16.01
N ILE H 33 -9.14 38.78 15.53
CA ILE H 33 -7.76 38.31 15.75
C ILE H 33 -6.77 39.24 15.06
N VAL H 34 -7.11 39.73 13.87
CA VAL H 34 -6.17 40.57 13.12
C VAL H 34 -6.02 41.93 13.80
N LYS H 35 -7.13 42.53 14.22
CA LYS H 35 -7.06 43.77 14.98
C LYS H 35 -6.31 43.56 16.30
N LEU H 36 -6.67 42.51 17.04
CA LEU H 36 -6.00 42.21 18.31
C LEU H 36 -4.51 41.93 18.12
N CYS H 37 -4.09 41.54 16.93
CA CYS H 37 -2.67 41.29 16.70
C CYS H 37 -1.91 42.61 16.65
N PRO H 38 -0.86 42.78 17.46
CA PRO H 38 -0.15 44.07 17.46
C PRO H 38 0.64 44.35 16.20
N ASN H 39 0.91 43.34 15.39
CA ASN H 39 1.71 43.50 14.18
C ASN H 39 0.85 43.74 12.94
N CYS H 40 -0.46 43.92 13.11
CA CYS H 40 -1.40 44.00 12.00
C CYS H 40 -2.28 45.22 12.19
N PRO H 41 -1.85 46.40 11.71
CA PRO H 41 -2.62 47.64 11.83
C PRO H 41 -3.57 47.85 10.66
N GLU I 3 30.54 -8.82 -16.05
CA GLU I 3 31.18 -9.99 -16.68
C GLU I 3 30.27 -11.20 -16.60
N SER I 4 29.64 -11.41 -15.44
CA SER I 4 28.73 -12.53 -15.28
C SER I 4 27.39 -12.27 -15.95
N ALA I 5 27.00 -10.99 -16.11
CA ALA I 5 25.77 -10.67 -16.82
C ALA I 5 25.91 -10.99 -18.30
N GLN I 6 27.05 -10.65 -18.90
CA GLN I 6 27.27 -10.93 -20.32
C GLN I 6 27.15 -12.43 -20.61
N GLU I 7 27.90 -13.24 -19.88
CA GLU I 7 27.90 -14.68 -20.13
C GLU I 7 26.59 -15.34 -19.72
N SER I 8 25.81 -14.71 -18.83
CA SER I 8 24.51 -15.26 -18.48
C SER I 8 23.51 -15.06 -19.62
N HIS I 9 23.55 -13.90 -20.27
CA HIS I 9 22.71 -13.69 -21.44
C HIS I 9 23.08 -14.63 -22.59
N ALA I 10 24.36 -14.99 -22.71
CA ALA I 10 24.77 -15.92 -23.74
C ALA I 10 24.13 -17.29 -23.58
N LEU I 11 23.72 -17.65 -22.36
CA LEU I 11 23.08 -18.94 -22.11
C LEU I 11 21.56 -18.87 -22.28
N HIS I 12 20.91 -17.91 -21.64
CA HIS I 12 19.45 -17.84 -21.62
C HIS I 12 18.87 -16.75 -22.51
N HIS I 13 19.65 -15.71 -22.83
CA HIS I 13 19.17 -14.60 -23.66
C HIS I 13 17.93 -13.94 -23.04
N GLN I 14 17.99 -13.68 -21.75
CA GLN I 14 16.93 -12.97 -21.06
C GLN I 14 16.95 -11.49 -21.43
N ASN I 15 15.90 -10.79 -21.06
CA ASN I 15 15.77 -9.38 -21.38
C ASN I 15 16.68 -8.53 -20.49
N ALA I 16 16.74 -7.24 -20.79
CA ALA I 16 17.65 -6.35 -20.07
C ALA I 16 17.23 -6.15 -18.62
N ALA I 17 15.94 -6.20 -18.34
CA ALA I 17 15.48 -6.02 -16.97
C ALA I 17 16.01 -7.12 -16.05
N ALA I 18 16.03 -8.36 -16.53
CA ALA I 18 16.58 -9.45 -15.73
C ALA I 18 18.07 -9.25 -15.49
N LEU I 19 18.81 -8.82 -16.53
CA LEU I 19 20.23 -8.58 -16.36
C LEU I 19 20.49 -7.42 -15.40
N ARG I 20 19.62 -6.41 -15.42
CA ARG I 20 19.85 -5.22 -14.61
C ARG I 20 19.68 -5.52 -13.12
N PHE I 21 18.60 -6.21 -12.76
CA PHE I 21 18.33 -6.45 -11.34
C PHE I 21 19.16 -7.60 -10.80
N GLN I 22 19.32 -8.68 -11.57
CA GLN I 22 20.00 -9.86 -11.06
C GLN I 22 21.49 -9.59 -10.83
N PHE I 23 22.13 -8.86 -11.75
CA PHE I 23 23.56 -8.63 -11.68
C PHE I 23 23.93 -7.20 -11.29
N HIS I 24 22.95 -6.31 -11.14
CA HIS I 24 23.17 -4.94 -10.67
C HIS I 24 24.09 -4.17 -11.62
N ILE I 25 23.52 -3.85 -12.79
CA ILE I 25 24.20 -3.08 -13.81
C ILE I 25 23.26 -1.98 -14.30
N THR I 26 23.83 -1.02 -15.02
CA THR I 26 23.07 0.10 -15.53
C THR I 26 22.07 -0.37 -16.58
N ARG I 27 21.00 0.41 -16.75
CA ARG I 27 20.04 0.15 -17.82
C ARG I 27 20.74 0.18 -19.18
N GLU I 28 21.47 1.26 -19.47
CA GLU I 28 22.19 1.35 -20.74
C GLU I 28 23.22 0.24 -20.87
N GLN I 29 23.75 -0.25 -19.74
CA GLN I 29 24.64 -1.41 -19.78
C GLN I 29 23.86 -2.66 -20.19
N ALA I 30 22.71 -2.90 -19.57
CA ALA I 30 21.92 -4.09 -19.88
C ALA I 30 21.33 -4.00 -21.27
N ARG I 31 20.90 -2.81 -21.68
CA ARG I 31 20.37 -2.64 -23.04
C ARG I 31 21.46 -2.87 -24.08
N GLU I 32 22.69 -2.46 -23.78
CA GLU I 32 23.79 -2.64 -24.72
C GLU I 32 24.09 -4.13 -24.93
N ILE I 33 23.96 -4.93 -23.89
CA ILE I 33 24.23 -6.37 -24.00
C ILE I 33 23.27 -7.02 -24.98
N VAL I 34 22.00 -6.60 -24.96
CA VAL I 34 20.99 -7.22 -25.82
C VAL I 34 21.24 -6.86 -27.28
N LYS I 35 21.54 -5.58 -27.55
CA LYS I 35 21.90 -5.18 -28.90
C LYS I 35 23.17 -5.88 -29.37
N LEU I 36 24.22 -5.87 -28.52
CA LEU I 36 25.47 -6.52 -28.86
C LEU I 36 25.31 -8.03 -29.07
N CYS I 37 24.27 -8.63 -28.50
CA CYS I 37 24.04 -10.05 -28.70
C CYS I 37 23.55 -10.31 -30.12
N PRO I 38 24.21 -11.20 -30.87
CA PRO I 38 23.79 -11.43 -32.27
C PRO I 38 22.46 -12.14 -32.39
N ASN I 39 21.98 -12.78 -31.32
CA ASN I 39 20.74 -13.55 -31.36
C ASN I 39 19.53 -12.74 -30.93
N CYS I 40 19.68 -11.44 -30.69
CA CYS I 40 18.63 -10.61 -30.11
C CYS I 40 18.48 -9.35 -30.95
N PRO I 41 17.64 -9.39 -32.00
CA PRO I 41 17.39 -8.23 -32.86
C PRO I 41 16.27 -7.35 -32.36
N ALA J 1 -21.82 -27.30 1.11
CA ALA J 1 -20.36 -27.24 1.11
C ALA J 1 -19.78 -28.65 1.21
N LEU J 2 -20.25 -29.40 2.21
CA LEU J 2 -19.79 -30.77 2.38
C LEU J 2 -20.18 -31.64 1.18
N GLU J 3 -21.30 -31.32 0.53
CA GLU J 3 -21.67 -32.05 -0.68
C GLU J 3 -20.64 -31.87 -1.78
N SER J 4 -20.14 -30.65 -1.96
CA SER J 4 -19.11 -30.40 -2.96
C SER J 4 -17.73 -30.86 -2.50
N ALA J 5 -17.51 -30.92 -1.17
CA ALA J 5 -16.26 -31.45 -0.66
C ALA J 5 -16.14 -32.95 -0.91
N GLN J 6 -17.22 -33.69 -0.68
CA GLN J 6 -17.22 -35.14 -0.89
C GLN J 6 -16.87 -35.48 -2.34
N GLU J 7 -17.60 -34.91 -3.30
CA GLU J 7 -17.37 -35.24 -4.70
C GLU J 7 -16.05 -34.70 -5.23
N SER J 8 -15.48 -33.69 -4.57
CA SER J 8 -14.17 -33.20 -4.97
C SER J 8 -13.08 -34.19 -4.58
N HIS J 9 -13.18 -34.78 -3.39
CA HIS J 9 -12.24 -35.82 -3.01
C HIS J 9 -12.38 -37.05 -3.90
N ALA J 10 -13.59 -37.34 -4.39
CA ALA J 10 -13.78 -38.46 -5.30
C ALA J 10 -13.02 -38.28 -6.60
N LEU J 11 -12.72 -37.03 -6.98
CA LEU J 11 -11.99 -36.75 -8.21
C LEU J 11 -10.48 -36.74 -7.98
N HIS J 12 -10.02 -35.98 -6.98
CA HIS J 12 -8.59 -35.77 -6.76
C HIS J 12 -8.02 -36.55 -5.59
N HIS J 13 -8.84 -36.93 -4.61
CA HIS J 13 -8.38 -37.64 -3.41
C HIS J 13 -7.32 -36.84 -2.67
N GLN J 14 -7.57 -35.55 -2.50
CA GLN J 14 -6.69 -34.69 -1.72
C GLN J 14 -6.83 -35.00 -0.24
N ASN J 15 -5.91 -34.44 0.55
CA ASN J 15 -5.89 -34.69 1.98
C ASN J 15 -7.01 -33.90 2.68
N ALA J 16 -7.16 -34.18 3.98
CA ALA J 16 -8.25 -33.57 4.74
C ALA J 16 -8.06 -32.07 4.90
N ALA J 17 -6.81 -31.59 4.95
CA ALA J 17 -6.55 -30.17 5.10
C ALA J 17 -7.07 -29.38 3.89
N ALA J 18 -6.90 -29.94 2.69
CA ALA J 18 -7.40 -29.26 1.50
C ALA J 18 -8.91 -29.18 1.50
N LEU J 19 -9.58 -30.26 1.91
CA LEU J 19 -11.04 -30.24 1.97
C LEU J 19 -11.55 -29.28 3.04
N ARG J 20 -10.81 -29.14 4.14
CA ARG J 20 -11.27 -28.35 5.27
C ARG J 20 -11.25 -26.86 4.93
N PHE J 21 -10.16 -26.37 4.35
CA PHE J 21 -10.04 -24.94 4.10
C PHE J 21 -10.80 -24.53 2.84
N GLN J 22 -10.72 -25.34 1.78
CA GLN J 22 -11.33 -24.97 0.51
C GLN J 22 -12.85 -24.96 0.61
N PHE J 23 -13.44 -25.93 1.30
CA PHE J 23 -14.88 -26.07 1.38
C PHE J 23 -15.46 -25.68 2.73
N HIS J 24 -14.61 -25.35 3.71
CA HIS J 24 -15.05 -24.85 5.02
C HIS J 24 -15.92 -25.90 5.74
N ILE J 25 -15.25 -26.96 6.19
CA ILE J 25 -15.88 -28.04 6.93
C ILE J 25 -15.03 -28.37 8.14
N THR J 26 -15.61 -29.13 9.06
CA THR J 26 -14.96 -29.51 10.31
C THR J 26 -13.78 -30.46 10.03
N ARG J 27 -12.82 -30.46 10.96
CA ARG J 27 -11.72 -31.43 10.89
C ARG J 27 -12.25 -32.85 10.90
N GLU J 28 -13.08 -33.19 11.89
CA GLU J 28 -13.66 -34.53 11.95
C GLU J 28 -14.52 -34.84 10.74
N GLN J 29 -15.11 -33.81 10.14
CA GLN J 29 -15.82 -34.00 8.88
C GLN J 29 -14.85 -34.35 7.75
N ALA J 30 -13.76 -33.59 7.62
CA ALA J 30 -12.81 -33.82 6.55
C ALA J 30 -12.05 -35.13 6.75
N ARG J 31 -11.70 -35.44 8.00
CA ARG J 31 -11.03 -36.71 8.27
C ARG J 31 -11.93 -37.89 7.97
N GLU J 32 -13.23 -37.75 8.22
CA GLU J 32 -14.17 -38.84 7.96
C GLU J 32 -14.25 -39.14 6.46
N ILE J 33 -14.16 -38.10 5.63
CA ILE J 33 -14.25 -38.30 4.18
C ILE J 33 -13.08 -39.16 3.69
N VAL J 34 -11.89 -38.96 4.26
CA VAL J 34 -10.72 -39.70 3.80
C VAL J 34 -10.82 -41.16 4.21
N LYS J 35 -11.22 -41.42 5.45
CA LYS J 35 -11.47 -42.79 5.89
C LYS J 35 -12.58 -43.43 5.08
N LEU J 36 -13.70 -42.73 4.93
CA LEU J 36 -14.82 -43.25 4.14
C LEU J 36 -14.45 -43.48 2.69
N CYS J 37 -13.42 -42.80 2.19
CA CYS J 37 -13.01 -42.99 0.80
C CYS J 37 -12.32 -44.35 0.65
N PRO J 38 -12.78 -45.21 -0.27
CA PRO J 38 -12.16 -46.54 -0.38
C PRO J 38 -10.75 -46.51 -0.95
N ASN J 39 -10.34 -45.42 -1.58
CA ASN J 39 -9.03 -45.32 -2.20
C ASN J 39 -7.99 -44.68 -1.29
N CYS J 40 -8.34 -44.42 -0.03
CA CYS J 40 -7.48 -43.68 0.90
C CYS J 40 -7.39 -44.43 2.21
N PRO J 41 -6.44 -45.37 2.33
CA PRO J 41 -6.25 -46.15 3.56
C PRO J 41 -5.29 -45.47 4.54
N LEU K 2 -23.70 -17.79 -7.19
CA LEU K 2 -25.08 -17.65 -6.73
C LEU K 2 -25.40 -18.66 -5.64
N GLU K 3 -24.78 -19.83 -5.74
CA GLU K 3 -24.99 -20.86 -4.72
C GLU K 3 -24.45 -20.42 -3.37
N SER K 4 -23.26 -19.82 -3.35
CA SER K 4 -22.71 -19.32 -2.11
C SER K 4 -23.35 -18.01 -1.68
N ALA K 5 -23.87 -17.24 -2.63
CA ALA K 5 -24.59 -16.01 -2.29
C ALA K 5 -25.90 -16.33 -1.59
N GLN K 6 -26.64 -17.31 -2.09
CA GLN K 6 -27.91 -17.69 -1.47
C GLN K 6 -27.73 -18.09 -0.01
N GLU K 7 -26.82 -19.04 0.24
CA GLU K 7 -26.63 -19.54 1.60
C GLU K 7 -25.97 -18.51 2.51
N SER K 8 -25.27 -17.51 1.93
CA SER K 8 -24.71 -16.45 2.76
C SER K 8 -25.81 -15.51 3.25
N HIS K 9 -26.78 -15.19 2.39
CA HIS K 9 -27.92 -14.40 2.83
C HIS K 9 -28.74 -15.12 3.89
N ALA K 10 -28.81 -16.46 3.80
CA ALA K 10 -29.52 -17.22 4.82
C ALA K 10 -28.90 -17.07 6.20
N LEU K 11 -27.61 -16.74 6.27
CA LEU K 11 -26.91 -16.55 7.54
C LEU K 11 -27.01 -15.11 8.05
N HIS K 12 -26.66 -14.14 7.20
CA HIS K 12 -26.58 -12.75 7.64
C HIS K 12 -27.74 -11.88 7.18
N HIS K 13 -28.43 -12.26 6.10
CA HIS K 13 -29.52 -11.47 5.54
C HIS K 13 -29.07 -10.05 5.20
N GLN K 14 -27.92 -9.96 4.54
CA GLN K 14 -27.42 -8.68 4.05
C GLN K 14 -28.23 -8.23 2.84
N ASN K 15 -28.02 -6.97 2.46
CA ASN K 15 -28.75 -6.37 1.34
C ASN K 15 -28.23 -6.87 0.00
N ARG K 20 -24.21 -8.76 -4.46
CA ARG K 20 -23.84 -8.54 -5.86
C ARG K 20 -22.33 -8.38 -6.03
N PHE K 21 -21.69 -7.57 -5.20
CA PHE K 21 -20.26 -7.34 -5.37
C PHE K 21 -19.43 -8.48 -4.80
N GLN K 22 -19.84 -9.00 -3.64
CA GLN K 22 -19.04 -10.03 -2.97
C GLN K 22 -19.01 -11.33 -3.76
N PHE K 23 -20.14 -11.73 -4.33
CA PHE K 23 -20.24 -13.00 -5.03
C PHE K 23 -20.34 -12.85 -6.54
N HIS K 24 -20.41 -11.62 -7.05
CA HIS K 24 -20.40 -11.33 -8.48
C HIS K 24 -21.60 -11.99 -9.18
N ILE K 25 -22.77 -11.39 -8.91
CA ILE K 25 -24.03 -11.83 -9.50
C ILE K 25 -24.78 -10.60 -10.01
N THR K 26 -25.79 -10.87 -10.83
CA THR K 26 -26.59 -9.80 -11.42
C THR K 26 -27.37 -9.06 -10.34
N ARG K 27 -27.70 -7.80 -10.62
CA ARG K 27 -28.58 -7.03 -9.74
C ARG K 27 -29.91 -7.74 -9.56
N GLU K 28 -30.59 -8.08 -10.67
CA GLU K 28 -31.86 -8.78 -10.59
C GLU K 28 -31.71 -10.14 -9.92
N GLN K 29 -30.52 -10.74 -10.02
CA GLN K 29 -30.25 -11.97 -9.26
C GLN K 29 -30.21 -11.69 -7.76
N ALA K 30 -29.47 -10.64 -7.37
CA ALA K 30 -29.35 -10.33 -5.95
C ALA K 30 -30.67 -9.83 -5.38
N ARG K 31 -31.43 -9.06 -6.15
CA ARG K 31 -32.73 -8.60 -5.68
C ARG K 31 -33.69 -9.77 -5.50
N GLU K 32 -33.60 -10.78 -6.36
CA GLU K 32 -34.50 -11.94 -6.25
C GLU K 32 -34.25 -12.71 -4.95
N ILE K 33 -32.99 -12.79 -4.52
CA ILE K 33 -32.68 -13.53 -3.30
C ILE K 33 -33.34 -12.87 -2.09
N VAL K 34 -33.36 -11.53 -2.05
CA VAL K 34 -33.92 -10.84 -0.89
C VAL K 34 -35.43 -11.02 -0.84
N LYS K 35 -36.10 -10.87 -1.98
CA LYS K 35 -37.54 -11.13 -2.03
C LYS K 35 -37.84 -12.58 -1.69
N LEU K 36 -37.12 -13.51 -2.32
CA LEU K 36 -37.32 -14.94 -2.06
C LEU K 36 -37.03 -15.30 -0.61
N CYS K 37 -36.23 -14.52 0.09
CA CYS K 37 -35.94 -14.81 1.49
C CYS K 37 -37.16 -14.50 2.34
N PRO K 38 -37.64 -15.45 3.15
CA PRO K 38 -38.86 -15.20 3.94
C PRO K 38 -38.67 -14.19 5.05
N ASN K 39 -37.43 -13.90 5.45
CA ASN K 39 -37.16 -12.99 6.56
C ASN K 39 -36.92 -11.55 6.09
N CYS K 40 -37.10 -11.27 4.81
CA CYS K 40 -36.75 -9.98 4.23
C CYS K 40 -37.92 -9.47 3.40
N PRO K 41 -38.87 -8.76 4.02
CA PRO K 41 -40.03 -8.20 3.33
C PRO K 41 -39.78 -6.81 2.77
N ALA L 1 0.43 23.94 22.97
CA ALA L 1 0.30 22.60 22.41
C ALA L 1 0.75 21.55 23.41
N LEU L 2 1.97 21.73 23.93
CA LEU L 2 2.50 20.80 24.93
C LEU L 2 1.65 20.80 26.19
N GLU L 3 1.06 21.96 26.52
CA GLU L 3 0.15 22.01 27.66
C GLU L 3 -1.03 21.05 27.47
N SER L 4 -1.58 20.99 26.25
CA SER L 4 -2.67 20.08 25.97
C SER L 4 -2.16 18.64 25.77
N ALA L 5 -0.90 18.48 25.36
CA ALA L 5 -0.32 17.15 25.25
C ALA L 5 -0.13 16.52 26.62
N GLN L 6 0.38 17.31 27.58
CA GLN L 6 0.60 16.79 28.93
C GLN L 6 -0.69 16.28 29.55
N GLU L 7 -1.73 17.12 29.59
CA GLU L 7 -2.97 16.71 30.23
C GLU L 7 -3.71 15.63 29.45
N SER L 8 -3.43 15.48 28.16
CA SER L 8 -4.03 14.39 27.40
C SER L 8 -3.41 13.06 27.78
N HIS L 9 -2.09 13.01 27.96
CA HIS L 9 -1.45 11.81 28.45
C HIS L 9 -1.91 11.48 29.86
N ALA L 10 -2.19 12.50 30.68
CA ALA L 10 -2.71 12.25 32.02
C ALA L 10 -4.06 11.56 32.00
N LEU L 11 -4.80 11.70 30.90
CA LEU L 11 -6.11 11.08 30.74
C LEU L 11 -5.99 9.68 30.13
N HIS L 12 -5.28 9.56 29.01
CA HIS L 12 -5.22 8.30 28.26
C HIS L 12 -3.91 7.54 28.42
N HIS L 13 -2.81 8.24 28.75
CA HIS L 13 -1.49 7.62 28.89
C HIS L 13 -1.08 6.89 27.61
N GLN L 14 -1.27 7.57 26.48
CA GLN L 14 -0.82 7.05 25.21
C GLN L 14 0.69 7.17 25.09
N ASN L 15 1.24 6.51 24.06
CA ASN L 15 2.69 6.49 23.88
C ASN L 15 3.18 7.82 23.33
N ALA L 16 4.51 7.95 23.25
CA ALA L 16 5.11 9.22 22.83
C ALA L 16 4.83 9.52 21.37
N ALA L 17 4.67 8.48 20.54
CA ALA L 17 4.37 8.71 19.13
C ALA L 17 3.02 9.38 18.95
N ALA L 18 2.04 9.01 19.78
CA ALA L 18 0.72 9.62 19.68
C ALA L 18 0.77 11.08 20.12
N LEU L 19 1.49 11.38 21.21
CA LEU L 19 1.61 12.76 21.66
C LEU L 19 2.36 13.62 20.65
N ARG L 20 3.33 13.04 19.94
CA ARG L 20 4.18 13.82 19.05
C ARG L 20 3.42 14.29 17.82
N PHE L 21 2.68 13.40 17.18
CA PHE L 21 2.00 13.76 15.94
C PHE L 21 0.71 14.53 16.21
N GLN L 22 -0.05 14.12 17.23
CA GLN L 22 -1.35 14.73 17.48
C GLN L 22 -1.21 16.17 17.95
N PHE L 23 -0.23 16.44 18.82
CA PHE L 23 -0.05 17.76 19.41
C PHE L 23 1.15 18.51 18.86
N HIS L 24 1.96 17.88 18.00
CA HIS L 24 3.08 18.53 17.32
C HIS L 24 4.11 19.04 18.34
N ILE L 25 4.82 18.08 18.93
CA ILE L 25 5.87 18.35 19.90
C ILE L 25 7.10 17.51 19.54
N THR L 26 8.22 17.86 20.17
CA THR L 26 9.48 17.19 19.92
C THR L 26 9.44 15.75 20.42
N ARG L 27 10.28 14.90 19.81
CA ARG L 27 10.45 13.53 20.31
C ARG L 27 10.89 13.54 21.76
N GLU L 28 11.97 14.25 22.07
CA GLU L 28 12.47 14.32 23.43
C GLU L 28 11.45 14.97 24.37
N GLN L 29 10.59 15.84 23.84
CA GLN L 29 9.49 16.38 24.62
C GLN L 29 8.47 15.29 24.93
N ALA L 30 8.06 14.54 23.91
CA ALA L 30 7.05 13.50 24.10
C ALA L 30 7.59 12.35 24.93
N ARG L 31 8.86 11.99 24.73
CA ARG L 31 9.47 10.94 25.55
C ARG L 31 9.58 11.38 27.01
N GLU L 32 9.83 12.67 27.24
CA GLU L 32 9.94 13.17 28.60
C GLU L 32 8.62 13.05 29.35
N ILE L 33 7.50 13.25 28.66
CA ILE L 33 6.19 13.16 29.30
C ILE L 33 5.94 11.75 29.81
N VAL L 34 6.36 10.73 29.06
CA VAL L 34 6.11 9.35 29.45
C VAL L 34 6.95 8.98 30.67
N LYS L 35 8.24 9.34 30.66
CA LYS L 35 9.08 9.13 31.83
C LYS L 35 8.54 9.90 33.04
N LEU L 36 8.25 11.18 32.85
CA LEU L 36 7.72 12.01 33.93
C LEU L 36 6.37 11.51 34.44
N CYS L 37 5.64 10.76 33.64
CA CYS L 37 4.35 10.24 34.09
C CYS L 37 4.57 9.13 35.11
N PRO L 38 3.96 9.22 36.29
CA PRO L 38 4.18 8.17 37.31
C PRO L 38 3.55 6.85 36.95
N ASN L 39 2.61 6.82 36.01
CA ASN L 39 1.91 5.60 35.64
C ASN L 39 2.55 4.89 34.45
N CYS L 40 3.70 5.38 33.98
CA CYS L 40 4.32 4.88 32.75
C CYS L 40 5.79 4.59 33.02
N PRO L 41 6.13 3.38 33.48
CA PRO L 41 7.51 3.00 33.74
C PRO L 41 8.19 2.40 32.51
#